data_1WR4
#
_entry.id   1WR4
#
_entity_poly.entity_id   1
_entity_poly.type   'polypeptide(L)'
_entity_poly.pdbx_seq_one_letter_code
;GSPGLPSGWEERKDAKGRTYYVNHNNRTTTWTRPIM
;
_entity_poly.pdbx_strand_id   A
#
# COMPACT_ATOMS: atom_id res chain seq x y z
N GLY A 1 4.72 -1.92 10.94
CA GLY A 1 4.15 -1.15 9.80
C GLY A 1 5.19 -0.26 9.15
N SER A 2 4.84 0.30 8.01
CA SER A 2 5.77 1.15 7.27
C SER A 2 5.28 2.59 7.22
N PRO A 3 6.02 3.51 7.85
CA PRO A 3 5.74 4.95 7.78
C PRO A 3 5.99 5.49 6.39
N GLY A 4 5.14 6.41 5.95
CA GLY A 4 5.29 7.01 4.64
C GLY A 4 4.01 6.91 3.84
N LEU A 5 3.21 5.89 4.14
CA LEU A 5 1.95 5.69 3.47
C LEU A 5 0.89 6.67 3.99
N PRO A 6 0.24 7.40 3.07
CA PRO A 6 -0.84 8.35 3.40
C PRO A 6 -1.97 7.72 4.21
N SER A 7 -2.76 8.57 4.86
CA SER A 7 -3.92 8.13 5.62
C SER A 7 -4.94 7.47 4.70
N GLY A 8 -5.00 6.15 4.73
CA GLY A 8 -5.88 5.42 3.86
C GLY A 8 -5.13 4.33 3.11
N TRP A 9 -3.82 4.50 3.01
CA TRP A 9 -2.96 3.53 2.35
C TRP A 9 -2.53 2.45 3.34
N GLU A 10 -2.47 1.21 2.87
CA GLU A 10 -2.01 0.09 3.66
C GLU A 10 -1.09 -0.78 2.82
N GLU A 11 -0.13 -1.43 3.45
CA GLU A 11 0.76 -2.32 2.72
C GLU A 11 0.40 -3.77 3.03
N ARG A 12 0.55 -4.63 2.04
CA ARG A 12 0.30 -6.04 2.24
C ARG A 12 1.26 -6.86 1.39
N LYS A 13 1.07 -8.15 1.40
CA LYS A 13 1.94 -9.06 0.67
C LYS A 13 1.11 -10.16 0.02
N ASP A 14 1.61 -10.70 -1.09
CA ASP A 14 0.91 -11.77 -1.78
C ASP A 14 1.37 -13.13 -1.27
N ALA A 15 1.96 -13.09 -0.07
CA ALA A 15 2.49 -14.28 0.61
C ALA A 15 3.85 -14.70 0.06
N LYS A 16 4.09 -14.40 -1.21
CA LYS A 16 5.31 -14.82 -1.87
C LYS A 16 6.32 -13.68 -1.94
N GLY A 17 6.41 -12.96 -0.84
CA GLY A 17 7.38 -11.89 -0.71
C GLY A 17 6.93 -10.58 -1.32
N ARG A 18 6.13 -10.66 -2.38
CA ARG A 18 5.72 -9.48 -3.13
C ARG A 18 4.92 -8.53 -2.25
N THR A 19 5.39 -7.30 -2.14
CA THR A 19 4.75 -6.31 -1.31
C THR A 19 3.98 -5.32 -2.17
N TYR A 20 2.67 -5.28 -1.99
CA TYR A 20 1.83 -4.35 -2.74
C TYR A 20 1.09 -3.43 -1.78
N TYR A 21 0.74 -2.26 -2.25
CA TYR A 21 0.11 -1.26 -1.42
C TYR A 21 -1.38 -1.16 -1.76
N VAL A 22 -2.20 -1.40 -0.76
CA VAL A 22 -3.64 -1.41 -0.94
C VAL A 22 -4.28 -0.28 -0.15
N ASN A 23 -4.79 0.69 -0.88
CA ASN A 23 -5.43 1.85 -0.28
C ASN A 23 -6.91 1.57 -0.08
N HIS A 24 -7.36 1.68 1.16
CA HIS A 24 -8.73 1.34 1.50
C HIS A 24 -9.65 2.55 1.36
N ASN A 25 -9.09 3.74 1.50
CA ASN A 25 -9.85 4.97 1.43
C ASN A 25 -10.24 5.31 -0.01
N ASN A 26 -9.36 4.93 -0.93
CA ASN A 26 -9.59 5.18 -2.36
C ASN A 26 -9.84 3.86 -3.11
N ARG A 27 -9.82 2.76 -2.36
CA ARG A 27 -10.08 1.42 -2.91
C ARG A 27 -9.12 1.09 -4.04
N THR A 28 -7.84 1.35 -3.83
CA THR A 28 -6.83 1.15 -4.87
C THR A 28 -5.87 0.03 -4.50
N THR A 29 -5.42 -0.70 -5.51
CA THR A 29 -4.41 -1.73 -5.32
C THR A 29 -3.18 -1.37 -6.16
N THR A 30 -2.19 -0.81 -5.51
CA THR A 30 -1.08 -0.19 -6.18
C THR A 30 0.24 -0.93 -5.89
N TRP A 31 0.95 -1.29 -6.94
CA TRP A 31 2.26 -1.91 -6.80
C TRP A 31 3.33 -0.84 -6.92
N THR A 32 3.26 0.13 -6.03
CA THR A 32 4.10 1.31 -6.11
C THR A 32 4.02 2.09 -4.80
N ARG A 33 5.12 2.71 -4.41
CA ARG A 33 5.15 3.51 -3.21
C ARG A 33 4.33 4.78 -3.38
N PRO A 34 3.27 4.92 -2.58
CA PRO A 34 2.36 6.07 -2.65
C PRO A 34 3.03 7.41 -2.36
N ILE A 35 2.75 8.40 -3.19
CA ILE A 35 3.30 9.73 -3.01
C ILE A 35 2.25 10.65 -2.42
N MET A 36 1.03 10.16 -2.45
CA MET A 36 -0.14 10.86 -1.93
C MET A 36 -1.36 9.98 -2.08
N GLY A 1 3.23 9.95 2.39
CA GLY A 1 3.20 9.38 3.75
C GLY A 1 4.46 9.66 4.52
N SER A 2 4.34 10.45 5.58
CA SER A 2 5.48 10.78 6.42
C SER A 2 6.07 9.53 7.09
N PRO A 3 5.25 8.66 7.72
CA PRO A 3 5.72 7.38 8.26
C PRO A 3 5.92 6.35 7.16
N GLY A 4 5.45 5.12 7.39
CA GLY A 4 5.54 4.10 6.37
C GLY A 4 4.60 4.38 5.21
N LEU A 5 3.31 4.38 5.50
CA LEU A 5 2.30 4.70 4.49
C LEU A 5 1.38 5.80 5.00
N PRO A 6 0.75 6.54 4.07
CA PRO A 6 -0.31 7.50 4.41
C PRO A 6 -1.45 6.82 5.15
N SER A 7 -2.15 7.59 5.98
CA SER A 7 -3.29 7.06 6.72
C SER A 7 -4.38 6.59 5.76
N GLY A 8 -4.33 5.32 5.41
CA GLY A 8 -5.26 4.78 4.44
C GLY A 8 -4.61 3.79 3.51
N TRP A 9 -3.27 3.79 3.46
CA TRP A 9 -2.56 2.85 2.64
C TRP A 9 -2.10 1.68 3.50
N GLU A 10 -2.23 0.48 2.96
CA GLU A 10 -1.84 -0.72 3.67
C GLU A 10 -0.90 -1.54 2.80
N GLU A 11 0.25 -1.91 3.35
CA GLU A 11 1.21 -2.68 2.58
C GLU A 11 0.98 -4.17 2.80
N ARG A 12 0.50 -4.81 1.76
CA ARG A 12 0.20 -6.23 1.81
C ARG A 12 1.32 -7.02 1.18
N LYS A 13 1.29 -8.32 1.37
CA LYS A 13 2.34 -9.19 0.86
C LYS A 13 1.73 -10.33 0.05
N ASP A 14 1.72 -10.16 -1.26
CA ASP A 14 1.06 -11.11 -2.15
C ASP A 14 1.93 -12.33 -2.41
N ALA A 15 1.31 -13.51 -2.32
CA ALA A 15 1.94 -14.77 -2.67
C ALA A 15 3.14 -15.08 -1.77
N LYS A 16 4.35 -14.82 -2.29
CA LYS A 16 5.57 -15.14 -1.57
C LYS A 16 5.94 -14.04 -0.59
N GLY A 17 5.21 -12.94 -0.64
CA GLY A 17 5.51 -11.81 0.21
C GLY A 17 5.85 -10.58 -0.60
N ARG A 18 5.35 -10.52 -1.82
CA ARG A 18 5.55 -9.36 -2.67
C ARG A 18 4.71 -8.19 -2.15
N THR A 19 5.37 -7.16 -1.67
CA THR A 19 4.69 -6.04 -1.03
C THR A 19 4.03 -5.11 -2.04
N TYR A 20 2.73 -4.90 -1.87
CA TYR A 20 1.99 -3.93 -2.66
C TYR A 20 1.14 -3.07 -1.74
N TYR A 21 0.75 -1.91 -2.21
CA TYR A 21 0.05 -0.97 -1.36
C TYR A 21 -1.42 -0.86 -1.76
N VAL A 22 -2.28 -1.15 -0.80
CA VAL A 22 -3.71 -1.13 -1.02
C VAL A 22 -4.35 -0.06 -0.14
N ASN A 23 -4.82 1.00 -0.76
CA ASN A 23 -5.49 2.07 -0.05
C ASN A 23 -6.94 1.66 0.22
N HIS A 24 -7.39 1.83 1.45
CA HIS A 24 -8.67 1.28 1.88
C HIS A 24 -9.80 2.29 1.74
N ASN A 25 -9.46 3.54 1.44
CA ASN A 25 -10.46 4.57 1.24
C ASN A 25 -10.85 4.64 -0.24
N ASN A 26 -9.84 4.80 -1.07
CA ASN A 26 -10.03 4.90 -2.52
C ASN A 26 -9.97 3.52 -3.16
N ARG A 27 -9.63 2.52 -2.34
CA ARG A 27 -9.57 1.12 -2.77
C ARG A 27 -8.58 0.93 -3.91
N THR A 28 -7.53 1.74 -3.91
CA THR A 28 -6.50 1.64 -4.93
C THR A 28 -5.45 0.61 -4.55
N THR A 29 -5.25 -0.35 -5.42
CA THR A 29 -4.25 -1.39 -5.21
C THR A 29 -3.08 -1.17 -6.16
N THR A 30 -2.02 -0.57 -5.65
CA THR A 30 -0.91 -0.17 -6.50
C THR A 30 0.38 -0.89 -6.10
N TRP A 31 1.18 -1.22 -7.11
CA TRP A 31 2.51 -1.77 -6.89
C TRP A 31 3.52 -0.65 -7.10
N THR A 32 3.19 0.52 -6.58
CA THR A 32 3.97 1.72 -6.78
C THR A 32 4.01 2.51 -5.48
N ARG A 33 5.08 3.27 -5.26
CA ARG A 33 5.16 4.11 -4.08
C ARG A 33 4.27 5.33 -4.24
N PRO A 34 3.26 5.47 -3.37
CA PRO A 34 2.31 6.59 -3.42
C PRO A 34 3.01 7.94 -3.40
N ILE A 35 2.76 8.74 -4.43
CA ILE A 35 3.43 10.02 -4.59
C ILE A 35 2.65 11.12 -3.87
N MET A 36 2.18 10.77 -2.70
CA MET A 36 1.40 11.67 -1.88
C MET A 36 1.54 11.25 -0.43
N GLY A 1 2.04 -1.12 12.72
CA GLY A 1 3.03 -0.50 13.63
C GLY A 1 3.86 0.56 12.94
N SER A 2 4.76 0.14 12.06
CA SER A 2 5.62 1.07 11.35
C SER A 2 4.89 1.70 10.17
N PRO A 3 4.84 3.04 10.12
CA PRO A 3 4.16 3.76 9.05
C PRO A 3 5.04 3.91 7.80
N GLY A 4 4.95 5.08 7.17
CA GLY A 4 5.71 5.32 5.95
C GLY A 4 4.79 5.57 4.78
N LEU A 5 3.63 4.93 4.82
CA LEU A 5 2.61 5.13 3.79
C LEU A 5 1.79 6.36 4.11
N PRO A 6 1.22 7.01 3.08
CA PRO A 6 0.28 8.12 3.25
C PRO A 6 -0.89 7.74 4.15
N SER A 7 -1.55 8.75 4.69
CA SER A 7 -2.69 8.54 5.57
C SER A 7 -3.82 7.83 4.82
N GLY A 8 -3.80 6.51 4.84
CA GLY A 8 -4.83 5.75 4.16
C GLY A 8 -4.28 4.57 3.38
N TRP A 9 -2.97 4.46 3.25
CA TRP A 9 -2.39 3.36 2.50
C TRP A 9 -2.00 2.25 3.47
N GLU A 10 -2.23 1.01 3.05
CA GLU A 10 -1.93 -0.16 3.85
C GLU A 10 -1.16 -1.17 3.01
N GLU A 11 -0.17 -1.83 3.59
CA GLU A 11 0.65 -2.76 2.85
C GLU A 11 0.10 -4.18 2.97
N ARG A 12 0.10 -4.90 1.86
CA ARG A 12 -0.27 -6.30 1.83
C ARG A 12 0.76 -7.08 1.05
N LYS A 13 0.61 -8.39 1.02
CA LYS A 13 1.61 -9.23 0.37
C LYS A 13 0.95 -10.21 -0.60
N ASP A 14 1.76 -10.73 -1.50
CA ASP A 14 1.30 -11.70 -2.48
C ASP A 14 1.48 -13.13 -1.95
N ALA A 15 1.83 -13.22 -0.67
CA ALA A 15 2.02 -14.49 0.04
C ALA A 15 3.30 -15.21 -0.41
N LYS A 16 4.11 -14.54 -1.22
CA LYS A 16 5.40 -15.09 -1.62
C LYS A 16 6.53 -14.20 -1.10
N GLY A 17 6.26 -12.91 -1.03
CA GLY A 17 7.23 -11.99 -0.49
C GLY A 17 7.20 -10.64 -1.18
N ARG A 18 6.22 -10.42 -2.03
CA ARG A 18 6.07 -9.14 -2.70
C ARG A 18 5.03 -8.29 -1.98
N THR A 19 5.42 -7.08 -1.63
CA THR A 19 4.55 -6.18 -0.88
C THR A 19 3.95 -5.11 -1.79
N TYR A 20 2.63 -5.06 -1.84
CA TYR A 20 1.93 -4.02 -2.59
C TYR A 20 1.11 -3.17 -1.63
N TYR A 21 0.68 -2.00 -2.08
CA TYR A 21 -0.03 -1.08 -1.22
C TYR A 21 -1.50 -0.98 -1.62
N VAL A 22 -2.36 -1.20 -0.65
CA VAL A 22 -3.79 -1.15 -0.85
C VAL A 22 -4.42 -0.06 0.00
N ASN A 23 -4.95 0.95 -0.65
CA ASN A 23 -5.62 2.05 0.02
C ASN A 23 -7.11 1.72 0.16
N HIS A 24 -7.54 1.42 1.37
CA HIS A 24 -8.91 0.95 1.60
C HIS A 24 -9.91 2.11 1.59
N ASN A 25 -9.40 3.32 1.49
CA ASN A 25 -10.25 4.50 1.52
C ASN A 25 -10.48 5.02 0.10
N ASN A 26 -9.51 4.80 -0.78
CA ASN A 26 -9.63 5.21 -2.17
C ASN A 26 -9.84 4.01 -3.08
N ARG A 27 -9.81 2.82 -2.48
CA ARG A 27 -9.97 1.56 -3.21
C ARG A 27 -8.94 1.42 -4.32
N THR A 28 -7.67 1.55 -3.95
CA THR A 28 -6.59 1.42 -4.91
C THR A 28 -5.56 0.40 -4.44
N THR A 29 -5.21 -0.52 -5.32
CA THR A 29 -4.18 -1.52 -5.02
C THR A 29 -3.01 -1.35 -5.99
N THR A 30 -1.95 -0.72 -5.53
CA THR A 30 -0.84 -0.39 -6.40
C THR A 30 0.43 -1.12 -6.00
N TRP A 31 1.25 -1.43 -7.00
CA TRP A 31 2.57 -1.96 -6.76
C TRP A 31 3.59 -0.84 -6.89
N THR A 32 3.08 0.38 -6.87
CA THR A 32 3.89 1.57 -7.00
C THR A 32 4.00 2.26 -5.63
N ARG A 33 5.09 3.00 -5.42
CA ARG A 33 5.26 3.72 -4.18
C ARG A 33 4.56 5.08 -4.26
N PRO A 34 3.54 5.30 -3.42
CA PRO A 34 2.79 6.55 -3.41
C PRO A 34 3.61 7.72 -2.88
N ILE A 35 4.34 8.37 -3.78
CA ILE A 35 5.13 9.55 -3.42
C ILE A 35 4.25 10.80 -3.44
N MET A 36 2.98 10.54 -3.62
CA MET A 36 1.95 11.57 -3.62
C MET A 36 0.66 10.99 -3.05
N GLY A 1 8.62 -3.64 9.03
CA GLY A 1 7.45 -3.28 8.20
C GLY A 1 7.04 -1.84 8.38
N SER A 2 5.90 -1.46 7.79
CA SER A 2 5.38 -0.09 7.85
C SER A 2 6.40 0.91 7.29
N PRO A 3 6.59 0.91 5.96
CA PRO A 3 7.55 1.80 5.29
C PRO A 3 7.18 3.27 5.44
N GLY A 4 5.89 3.57 5.35
CA GLY A 4 5.44 4.94 5.43
C GLY A 4 4.56 5.30 4.25
N LEU A 5 3.28 5.51 4.51
CA LEU A 5 2.33 5.73 3.43
C LEU A 5 1.44 6.94 3.71
N PRO A 6 0.73 7.44 2.68
CA PRO A 6 -0.24 8.56 2.80
C PRO A 6 -1.42 8.31 3.75
N SER A 7 -1.17 7.60 4.85
CA SER A 7 -2.18 7.32 5.88
C SER A 7 -3.28 6.36 5.38
N GLY A 8 -3.91 6.71 4.27
CA GLY A 8 -4.97 5.88 3.71
C GLY A 8 -4.42 4.70 2.93
N TRP A 9 -3.10 4.64 2.82
CA TRP A 9 -2.44 3.56 2.12
C TRP A 9 -1.88 2.56 3.14
N GLU A 10 -2.04 1.28 2.84
CA GLU A 10 -1.56 0.23 3.73
C GLU A 10 -0.72 -0.77 2.95
N GLU A 11 0.38 -1.23 3.54
CA GLU A 11 1.22 -2.21 2.89
C GLU A 11 0.74 -3.62 3.21
N ARG A 12 0.72 -4.47 2.21
CA ARG A 12 0.35 -5.86 2.39
C ARG A 12 1.31 -6.77 1.65
N LYS A 13 1.03 -8.06 1.70
CA LYS A 13 1.86 -9.06 1.05
C LYS A 13 0.99 -9.94 0.16
N ASP A 14 1.53 -10.32 -0.98
CA ASP A 14 0.79 -11.14 -1.94
C ASP A 14 1.10 -12.62 -1.73
N ALA A 15 0.60 -13.46 -2.62
CA ALA A 15 0.83 -14.91 -2.54
C ALA A 15 2.31 -15.25 -2.57
N LYS A 16 3.08 -14.50 -3.34
CA LYS A 16 4.53 -14.67 -3.37
C LYS A 16 5.14 -14.11 -2.10
N GLY A 17 4.84 -12.86 -1.81
CA GLY A 17 5.34 -12.24 -0.61
C GLY A 17 5.89 -10.86 -0.87
N ARG A 18 5.48 -10.25 -1.97
CA ARG A 18 5.93 -8.91 -2.32
C ARG A 18 5.10 -7.85 -1.62
N THR A 19 5.72 -6.73 -1.29
CA THR A 19 5.01 -5.64 -0.64
C THR A 19 4.26 -4.79 -1.65
N TYR A 20 2.95 -4.95 -1.70
CA TYR A 20 2.11 -4.09 -2.52
C TYR A 20 1.30 -3.18 -1.60
N TYR A 21 0.94 -2.02 -2.10
CA TYR A 21 0.27 -1.02 -1.29
C TYR A 21 -1.20 -0.92 -1.67
N VAL A 22 -2.05 -1.11 -0.68
CA VAL A 22 -3.48 -1.09 -0.90
C VAL A 22 -4.13 0.05 -0.12
N ASN A 23 -4.68 0.98 -0.87
CA ASN A 23 -5.45 2.08 -0.30
C ASN A 23 -6.85 1.60 -0.03
N HIS A 24 -7.29 1.70 1.21
CA HIS A 24 -8.52 1.04 1.64
C HIS A 24 -9.75 1.87 1.33
N ASN A 25 -9.69 3.17 1.58
CA ASN A 25 -10.85 4.05 1.38
C ASN A 25 -11.16 4.22 -0.10
N ASN A 26 -10.11 4.40 -0.88
CA ASN A 26 -10.26 4.59 -2.33
C ASN A 26 -10.28 3.24 -3.05
N ARG A 27 -9.95 2.18 -2.31
CA ARG A 27 -9.89 0.82 -2.85
C ARG A 27 -8.95 0.75 -4.05
N THR A 28 -7.72 1.18 -3.85
CA THR A 28 -6.73 1.15 -4.90
C THR A 28 -5.58 0.23 -4.54
N THR A 29 -5.17 -0.60 -5.48
CA THR A 29 -4.09 -1.54 -5.25
C THR A 29 -2.95 -1.30 -6.22
N THR A 30 -1.83 -0.83 -5.70
CA THR A 30 -0.67 -0.55 -6.52
C THR A 30 0.56 -1.25 -5.97
N TRP A 31 1.50 -1.56 -6.84
CA TRP A 31 2.74 -2.19 -6.44
C TRP A 31 3.86 -1.16 -6.43
N THR A 32 3.48 0.10 -6.49
CA THR A 32 4.42 1.20 -6.46
C THR A 32 4.19 2.08 -5.22
N ARG A 33 5.16 2.93 -4.91
CA ARG A 33 5.04 3.81 -3.74
C ARG A 33 4.31 5.10 -4.12
N PRO A 34 3.11 5.30 -3.57
CA PRO A 34 2.31 6.50 -3.81
C PRO A 34 2.87 7.73 -3.10
N ILE A 35 2.91 8.85 -3.81
CA ILE A 35 3.44 10.08 -3.26
C ILE A 35 2.36 11.14 -3.17
N MET A 36 1.15 10.70 -3.44
CA MET A 36 -0.02 11.56 -3.41
C MET A 36 -1.27 10.72 -3.19
N GLY A 1 1.60 -0.12 13.43
CA GLY A 1 0.27 0.56 13.41
C GLY A 1 0.08 1.39 12.16
N SER A 2 0.70 2.57 12.14
CA SER A 2 0.66 3.44 10.97
C SER A 2 2.01 3.41 10.26
N PRO A 3 2.08 2.69 9.12
CA PRO A 3 3.31 2.56 8.35
C PRO A 3 3.71 3.86 7.65
N GLY A 4 4.77 3.80 6.85
CA GLY A 4 5.19 4.97 6.10
C GLY A 4 4.33 5.17 4.87
N LEU A 5 3.04 5.25 5.08
CA LEU A 5 2.08 5.38 3.98
C LEU A 5 1.08 6.47 4.31
N PRO A 6 0.52 7.11 3.27
CA PRO A 6 -0.59 8.06 3.44
C PRO A 6 -1.74 7.43 4.22
N SER A 7 -2.48 8.27 4.93
CA SER A 7 -3.61 7.79 5.74
C SER A 7 -4.65 7.09 4.86
N GLY A 8 -4.54 5.78 4.76
CA GLY A 8 -5.42 5.02 3.91
C GLY A 8 -4.69 3.93 3.16
N TRP A 9 -3.37 4.04 3.06
CA TRP A 9 -2.58 3.03 2.37
C TRP A 9 -2.09 2.00 3.37
N GLU A 10 -2.14 0.74 2.97
CA GLU A 10 -1.69 -0.35 3.81
C GLU A 10 -0.70 -1.22 3.03
N GLU A 11 0.44 -1.52 3.63
CA GLU A 11 1.42 -2.37 3.01
C GLU A 11 1.07 -3.83 3.26
N ARG A 12 0.98 -4.59 2.19
CA ARG A 12 0.62 -6.00 2.30
C ARG A 12 1.47 -6.83 1.36
N LYS A 13 1.32 -8.13 1.46
CA LYS A 13 2.16 -9.05 0.70
C LYS A 13 1.32 -10.16 0.11
N ASP A 14 1.28 -10.20 -1.22
CA ASP A 14 0.48 -11.19 -1.93
C ASP A 14 1.35 -12.34 -2.40
N ALA A 15 0.74 -13.52 -2.55
CA ALA A 15 1.41 -14.71 -3.06
C ALA A 15 2.60 -15.12 -2.19
N LYS A 16 3.81 -14.76 -2.63
CA LYS A 16 5.03 -15.17 -1.94
C LYS A 16 5.79 -13.96 -1.42
N GLY A 17 5.09 -13.11 -0.67
CA GLY A 17 5.74 -11.98 -0.04
C GLY A 17 5.88 -10.81 -0.97
N ARG A 18 5.05 -10.74 -2.00
CA ARG A 18 5.08 -9.63 -2.94
C ARG A 18 4.42 -8.42 -2.32
N THR A 19 5.23 -7.43 -2.02
CA THR A 19 4.78 -6.25 -1.30
C THR A 19 4.08 -5.27 -2.23
N TYR A 20 2.86 -4.93 -1.87
CA TYR A 20 2.10 -3.93 -2.59
C TYR A 20 1.39 -3.03 -1.60
N TYR A 21 0.88 -1.92 -2.08
CA TYR A 21 0.19 -0.98 -1.23
C TYR A 21 -1.27 -0.91 -1.60
N VAL A 22 -2.11 -1.23 -0.64
CA VAL A 22 -3.55 -1.25 -0.85
C VAL A 22 -4.22 -0.11 -0.09
N ASN A 23 -4.84 0.78 -0.83
CA ASN A 23 -5.51 1.93 -0.24
C ASN A 23 -6.97 1.58 0.04
N HIS A 24 -7.40 1.79 1.29
CA HIS A 24 -8.72 1.37 1.73
C HIS A 24 -9.75 2.49 1.61
N ASN A 25 -9.29 3.69 1.33
CA ASN A 25 -10.20 4.81 1.11
C ASN A 25 -10.69 4.79 -0.33
N ASN A 26 -9.73 4.77 -1.25
CA ASN A 26 -10.02 4.80 -2.68
C ASN A 26 -10.15 3.40 -3.25
N ARG A 27 -9.82 2.40 -2.44
CA ARG A 27 -9.92 0.99 -2.82
C ARG A 27 -9.08 0.70 -4.06
N THR A 28 -7.78 0.94 -3.96
CA THR A 28 -6.89 0.71 -5.08
C THR A 28 -5.70 -0.15 -4.66
N THR A 29 -5.28 -1.03 -5.57
CA THR A 29 -4.13 -1.89 -5.33
C THR A 29 -2.94 -1.40 -6.15
N THR A 30 -2.03 -0.71 -5.48
CA THR A 30 -0.94 -0.05 -6.16
C THR A 30 0.40 -0.71 -5.82
N TRP A 31 1.25 -0.87 -6.82
CA TRP A 31 2.56 -1.50 -6.64
C TRP A 31 3.66 -0.45 -6.78
N THR A 32 3.32 0.76 -6.38
CA THR A 32 4.22 1.89 -6.49
C THR A 32 4.17 2.72 -5.20
N ARG A 33 5.15 3.59 -5.00
CA ARG A 33 5.17 4.43 -3.81
C ARG A 33 4.15 5.56 -3.93
N PRO A 34 3.14 5.54 -3.06
CA PRO A 34 2.05 6.53 -3.08
C PRO A 34 2.48 7.89 -2.54
N ILE A 35 2.22 8.92 -3.32
CA ILE A 35 2.51 10.28 -2.89
C ILE A 35 1.22 11.02 -2.55
N MET A 36 0.15 10.27 -2.49
CA MET A 36 -1.17 10.81 -2.20
C MET A 36 -2.01 9.76 -1.49
N GLY A 1 7.25 -3.47 5.91
CA GLY A 1 8.21 -2.95 6.92
C GLY A 1 7.51 -2.07 7.94
N SER A 2 8.01 -0.86 8.11
CA SER A 2 7.38 0.09 9.01
C SER A 2 6.26 0.84 8.28
N PRO A 3 5.10 0.99 8.93
CA PRO A 3 3.94 1.67 8.35
C PRO A 3 4.17 3.17 8.15
N GLY A 4 4.94 3.51 7.13
CA GLY A 4 5.21 4.90 6.82
C GLY A 4 4.49 5.35 5.56
N LEU A 5 3.22 4.98 5.46
CA LEU A 5 2.39 5.36 4.32
C LEU A 5 1.39 6.43 4.72
N PRO A 6 0.66 6.99 3.75
CA PRO A 6 -0.46 7.90 4.02
C PRO A 6 -1.53 7.22 4.86
N SER A 7 -2.42 8.01 5.44
CA SER A 7 -3.45 7.52 6.35
C SER A 7 -4.23 6.34 5.75
N GLY A 8 -4.50 6.39 4.46
CA GLY A 8 -5.34 5.38 3.84
C GLY A 8 -4.58 4.34 3.05
N TRP A 9 -3.24 4.35 3.10
CA TRP A 9 -2.48 3.37 2.37
C TRP A 9 -1.92 2.32 3.33
N GLU A 10 -1.86 1.08 2.87
CA GLU A 10 -1.35 0.01 3.67
C GLU A 10 -0.44 -0.88 2.83
N GLU A 11 0.76 -1.14 3.33
CA GLU A 11 1.68 -2.05 2.67
C GLU A 11 1.39 -3.48 3.11
N ARG A 12 0.98 -4.31 2.17
CA ARG A 12 0.64 -5.68 2.49
C ARG A 12 1.45 -6.65 1.66
N LYS A 13 1.07 -7.90 1.73
CA LYS A 13 1.77 -8.96 1.04
C LYS A 13 0.80 -9.68 0.11
N ASP A 14 1.18 -9.78 -1.15
CA ASP A 14 0.33 -10.40 -2.17
C ASP A 14 0.03 -11.84 -1.79
N ALA A 15 1.08 -12.60 -1.51
CA ALA A 15 0.99 -14.02 -1.16
C ALA A 15 2.38 -14.61 -1.14
N LYS A 16 3.15 -14.32 -2.18
CA LYS A 16 4.50 -14.85 -2.33
C LYS A 16 5.53 -13.87 -1.80
N GLY A 17 5.18 -13.19 -0.73
CA GLY A 17 6.09 -12.25 -0.09
C GLY A 17 6.12 -10.90 -0.79
N ARG A 18 5.51 -10.84 -1.97
CA ARG A 18 5.50 -9.61 -2.77
C ARG A 18 4.80 -8.48 -2.04
N THR A 19 5.38 -7.30 -2.13
CA THR A 19 4.86 -6.13 -1.44
C THR A 19 4.00 -5.30 -2.36
N TYR A 20 2.75 -5.09 -1.97
CA TYR A 20 1.86 -4.22 -2.71
C TYR A 20 1.14 -3.28 -1.76
N TYR A 21 0.75 -2.14 -2.26
CA TYR A 21 0.13 -1.11 -1.44
C TYR A 21 -1.34 -0.99 -1.77
N VAL A 22 -2.16 -1.23 -0.78
CA VAL A 22 -3.60 -1.21 -0.98
C VAL A 22 -4.21 -0.08 -0.18
N ASN A 23 -4.78 0.87 -0.90
CA ASN A 23 -5.50 1.97 -0.28
C ASN A 23 -6.93 1.53 -0.05
N HIS A 24 -7.29 1.37 1.23
CA HIS A 24 -8.56 0.76 1.59
C HIS A 24 -9.71 1.75 1.51
N ASN A 25 -9.38 3.01 1.35
CA ASN A 25 -10.39 4.06 1.29
C ASN A 25 -10.85 4.26 -0.14
N ASN A 26 -9.88 4.52 -1.02
CA ASN A 26 -10.15 4.73 -2.44
C ASN A 26 -10.25 3.39 -3.17
N ARG A 27 -9.98 2.31 -2.43
CA ARG A 27 -10.05 0.95 -2.96
C ARG A 27 -9.14 0.78 -4.18
N THR A 28 -7.88 1.16 -4.01
CA THR A 28 -6.93 1.06 -5.10
C THR A 28 -5.74 0.18 -4.74
N THR A 29 -5.37 -0.69 -5.66
CA THR A 29 -4.25 -1.58 -5.48
C THR A 29 -3.05 -1.09 -6.28
N THR A 30 -2.09 -0.51 -5.59
CA THR A 30 -0.96 0.12 -6.22
C THR A 30 0.34 -0.58 -5.84
N TRP A 31 1.14 -0.94 -6.83
CA TRP A 31 2.42 -1.62 -6.59
C TRP A 31 3.57 -0.63 -6.67
N THR A 32 3.33 0.56 -6.14
CA THR A 32 4.31 1.64 -6.20
C THR A 32 4.25 2.45 -4.91
N ARG A 33 5.35 3.05 -4.54
CA ARG A 33 5.38 3.94 -3.38
C ARG A 33 4.60 5.21 -3.69
N PRO A 34 3.47 5.41 -2.99
CA PRO A 34 2.57 6.56 -3.21
C PRO A 34 3.16 7.89 -2.76
N ILE A 35 4.25 8.27 -3.38
CA ILE A 35 4.92 9.52 -3.10
C ILE A 35 4.64 10.52 -4.20
N MET A 36 3.38 10.85 -4.35
CA MET A 36 2.95 11.82 -5.34
C MET A 36 2.31 13.00 -4.64
N GLY A 1 9.13 15.80 4.55
CA GLY A 1 9.62 14.50 5.07
C GLY A 1 8.85 13.33 4.50
N SER A 2 9.39 12.13 4.66
CA SER A 2 8.73 10.92 4.20
C SER A 2 7.42 10.70 4.96
N PRO A 3 6.29 10.69 4.23
CA PRO A 3 4.97 10.55 4.84
C PRO A 3 4.62 9.10 5.19
N GLY A 4 5.39 8.17 4.64
CA GLY A 4 5.06 6.76 4.79
C GLY A 4 3.76 6.44 4.09
N LEU A 5 2.94 5.61 4.70
CA LEU A 5 1.63 5.32 4.14
C LEU A 5 0.56 6.18 4.81
N PRO A 6 -0.12 7.01 4.00
CA PRO A 6 -1.25 7.85 4.44
C PRO A 6 -2.35 7.06 5.14
N SER A 7 -3.22 7.77 5.84
CA SER A 7 -4.37 7.13 6.48
C SER A 7 -5.27 6.51 5.42
N GLY A 8 -5.47 5.21 5.52
CA GLY A 8 -6.20 4.48 4.50
C GLY A 8 -5.29 3.60 3.67
N TRP A 9 -4.03 4.02 3.56
CA TRP A 9 -3.02 3.27 2.83
C TRP A 9 -2.42 2.20 3.73
N GLU A 10 -2.61 0.95 3.36
CA GLU A 10 -2.00 -0.15 4.08
C GLU A 10 -1.09 -0.94 3.15
N GLU A 11 0.08 -1.30 3.62
CA GLU A 11 1.00 -2.08 2.82
C GLU A 11 0.81 -3.56 3.12
N ARG A 12 0.86 -4.37 2.09
CA ARG A 12 0.67 -5.80 2.25
C ARG A 12 1.66 -6.56 1.39
N LYS A 13 1.41 -7.84 1.27
CA LYS A 13 2.26 -8.72 0.49
C LYS A 13 1.39 -9.71 -0.26
N ASP A 14 1.86 -10.17 -1.41
CA ASP A 14 1.11 -11.13 -2.20
C ASP A 14 1.27 -12.53 -1.63
N ALA A 15 0.89 -13.54 -2.39
CA ALA A 15 0.92 -14.92 -1.92
C ALA A 15 2.35 -15.41 -1.68
N LYS A 16 3.32 -14.69 -2.21
CA LYS A 16 4.72 -15.08 -2.07
C LYS A 16 5.44 -14.16 -1.09
N GLY A 17 5.22 -12.86 -1.22
CA GLY A 17 5.84 -11.92 -0.32
C GLY A 17 6.31 -10.65 -1.02
N ARG A 18 5.72 -10.35 -2.16
CA ARG A 18 6.06 -9.14 -2.88
C ARG A 18 5.22 -7.97 -2.35
N THR A 19 5.82 -6.79 -2.32
CA THR A 19 5.20 -5.63 -1.69
C THR A 19 4.21 -4.92 -2.60
N TYR A 20 2.96 -4.90 -2.18
CA TYR A 20 1.95 -4.10 -2.85
C TYR A 20 1.21 -3.27 -1.80
N TYR A 21 0.74 -2.11 -2.20
CA TYR A 21 0.08 -1.20 -1.28
C TYR A 21 -1.41 -1.12 -1.58
N VAL A 22 -2.22 -1.33 -0.56
CA VAL A 22 -3.66 -1.34 -0.71
C VAL A 22 -4.29 -0.21 0.09
N ASN A 23 -4.81 0.77 -0.64
CA ASN A 23 -5.48 1.92 -0.04
C ASN A 23 -6.96 1.60 0.10
N HIS A 24 -7.41 1.49 1.35
CA HIS A 24 -8.78 1.08 1.64
C HIS A 24 -9.78 2.17 1.29
N ASN A 25 -9.34 3.42 1.38
CA ASN A 25 -10.23 4.55 1.20
C ASN A 25 -10.56 4.76 -0.27
N ASN A 26 -9.54 4.93 -1.08
CA ASN A 26 -9.71 5.20 -2.50
C ASN A 26 -9.85 3.90 -3.30
N ARG A 27 -9.67 2.77 -2.61
CA ARG A 27 -9.76 1.45 -3.23
C ARG A 27 -8.70 1.26 -4.31
N THR A 28 -7.44 1.41 -3.92
CA THR A 28 -6.35 1.24 -4.86
C THR A 28 -5.40 0.15 -4.39
N THR A 29 -5.07 -0.76 -5.28
CA THR A 29 -4.17 -1.85 -4.97
C THR A 29 -2.96 -1.80 -5.88
N THR A 30 -2.06 -0.89 -5.58
CA THR A 30 -0.96 -0.58 -6.46
C THR A 30 0.34 -1.29 -6.04
N TRP A 31 1.16 -1.62 -7.01
CA TRP A 31 2.47 -2.20 -6.75
C TRP A 31 3.52 -1.11 -6.88
N THR A 32 3.25 0.02 -6.28
CA THR A 32 4.10 1.17 -6.35
C THR A 32 3.93 2.02 -5.09
N ARG A 33 4.93 2.82 -4.76
CA ARG A 33 4.85 3.68 -3.60
C ARG A 33 3.75 4.73 -3.77
N PRO A 34 2.83 4.79 -2.81
CA PRO A 34 1.71 5.76 -2.80
C PRO A 34 2.18 7.20 -2.98
N ILE A 35 1.84 7.77 -4.13
CA ILE A 35 2.17 9.16 -4.42
C ILE A 35 0.90 9.98 -4.60
N MET A 36 -0.21 9.30 -4.41
CA MET A 36 -1.53 9.90 -4.53
C MET A 36 -2.58 8.94 -3.98
N GLY A 1 6.00 11.37 4.35
CA GLY A 1 6.74 11.20 3.08
C GLY A 1 6.42 9.87 2.42
N SER A 2 7.18 9.53 1.38
CA SER A 2 6.98 8.30 0.64
C SER A 2 7.09 7.05 1.55
N PRO A 3 8.16 6.93 2.38
CA PRO A 3 8.30 5.81 3.32
C PRO A 3 7.37 5.95 4.52
N GLY A 4 6.08 5.95 4.25
CA GLY A 4 5.08 6.06 5.30
C GLY A 4 3.71 6.33 4.70
N LEU A 5 2.92 5.28 4.56
CA LEU A 5 1.66 5.34 3.83
C LEU A 5 0.69 6.36 4.40
N PRO A 6 0.04 7.09 3.49
CA PRO A 6 -1.05 8.02 3.81
C PRO A 6 -2.19 7.36 4.57
N SER A 7 -3.09 8.18 5.12
CA SER A 7 -4.25 7.68 5.84
C SER A 7 -5.17 6.89 4.91
N GLY A 8 -5.01 5.58 4.90
CA GLY A 8 -5.83 4.74 4.05
C GLY A 8 -5.00 3.70 3.31
N TRP A 9 -3.71 3.95 3.14
CA TRP A 9 -2.87 3.04 2.41
C TRP A 9 -2.35 1.96 3.35
N GLU A 10 -2.50 0.71 2.95
CA GLU A 10 -2.10 -0.41 3.78
C GLU A 10 -1.08 -1.27 3.05
N GLU A 11 0.02 -1.60 3.71
CA GLU A 11 1.06 -2.41 3.10
C GLU A 11 0.75 -3.88 3.33
N ARG A 12 0.59 -4.62 2.24
CA ARG A 12 0.31 -6.03 2.32
C ARG A 12 1.32 -6.81 1.48
N LYS A 13 1.16 -8.12 1.45
CA LYS A 13 2.07 -8.99 0.71
C LYS A 13 1.31 -10.11 0.02
N ASP A 14 1.84 -10.57 -1.10
CA ASP A 14 1.25 -11.69 -1.81
C ASP A 14 1.91 -12.99 -1.37
N ALA A 15 1.54 -14.11 -2.00
CA ALA A 15 2.07 -15.43 -1.63
C ALA A 15 3.58 -15.52 -1.83
N LYS A 16 4.11 -14.72 -2.75
CA LYS A 16 5.55 -14.70 -3.00
C LYS A 16 6.25 -13.72 -2.06
N GLY A 17 5.44 -12.94 -1.35
CA GLY A 17 5.99 -12.04 -0.36
C GLY A 17 6.29 -10.67 -0.93
N ARG A 18 5.67 -10.33 -2.04
CA ARG A 18 5.85 -9.03 -2.65
C ARG A 18 4.98 -7.99 -1.96
N THR A 19 5.60 -6.94 -1.45
CA THR A 19 4.89 -5.87 -0.77
C THR A 19 4.11 -5.00 -1.75
N TYR A 20 2.81 -4.90 -1.53
CA TYR A 20 1.97 -4.00 -2.32
C TYR A 20 1.13 -3.14 -1.39
N TYR A 21 0.73 -1.99 -1.89
CA TYR A 21 -0.01 -1.03 -1.10
C TYR A 21 -1.47 -1.01 -1.50
N VAL A 22 -2.32 -1.37 -0.57
CA VAL A 22 -3.74 -1.40 -0.80
C VAL A 22 -4.43 -0.29 -0.03
N ASN A 23 -4.87 0.72 -0.77
CA ASN A 23 -5.57 1.86 -0.20
C ASN A 23 -7.04 1.54 -0.06
N HIS A 24 -7.50 1.44 1.17
CA HIS A 24 -8.89 1.10 1.45
C HIS A 24 -9.75 2.34 1.36
N ASN A 25 -9.10 3.49 1.43
CA ASN A 25 -9.77 4.79 1.35
C ASN A 25 -10.23 5.06 -0.08
N ASN A 26 -9.30 4.98 -1.02
CA ASN A 26 -9.59 5.27 -2.42
C ASN A 26 -9.62 4.00 -3.26
N ARG A 27 -9.94 2.88 -2.60
CA ARG A 27 -10.06 1.55 -3.23
C ARG A 27 -8.99 1.30 -4.31
N THR A 28 -7.74 1.53 -3.96
CA THR A 28 -6.66 1.39 -4.91
C THR A 28 -5.64 0.36 -4.45
N THR A 29 -5.26 -0.54 -5.34
CA THR A 29 -4.27 -1.55 -5.04
C THR A 29 -3.08 -1.41 -5.96
N THR A 30 -1.99 -0.88 -5.45
CA THR A 30 -0.84 -0.60 -6.28
C THR A 30 0.42 -1.23 -5.71
N TRP A 31 1.32 -1.63 -6.60
CA TRP A 31 2.60 -2.20 -6.20
C TRP A 31 3.68 -1.13 -6.28
N THR A 32 3.31 0.03 -6.79
CA THR A 32 4.20 1.17 -6.91
C THR A 32 4.02 2.08 -5.69
N ARG A 33 4.95 3.00 -5.49
CA ARG A 33 4.82 3.96 -4.39
C ARG A 33 3.73 4.97 -4.70
N PRO A 34 2.80 5.19 -3.74
CA PRO A 34 1.72 6.17 -3.89
C PRO A 34 2.22 7.55 -4.31
N ILE A 35 1.39 8.28 -5.04
CA ILE A 35 1.77 9.58 -5.57
C ILE A 35 1.59 10.66 -4.51
N MET A 36 2.47 10.63 -3.54
CA MET A 36 2.50 11.62 -2.48
C MET A 36 3.92 12.12 -2.29
N GLY A 1 -0.56 10.80 11.57
CA GLY A 1 0.37 9.66 11.71
C GLY A 1 0.51 8.89 10.42
N SER A 2 1.47 9.28 9.60
CA SER A 2 1.73 8.60 8.34
C SER A 2 2.88 7.60 8.51
N PRO A 3 2.58 6.30 8.55
CA PRO A 3 3.59 5.27 8.78
C PRO A 3 4.29 4.85 7.48
N GLY A 4 4.84 5.82 6.77
CA GLY A 4 5.50 5.54 5.50
C GLY A 4 4.55 5.61 4.33
N LEU A 5 3.26 5.45 4.63
CA LEU A 5 2.22 5.54 3.61
C LEU A 5 1.28 6.67 3.95
N PRO A 6 0.67 7.27 2.91
CA PRO A 6 -0.40 8.26 3.09
C PRO A 6 -1.54 7.69 3.93
N SER A 7 -2.28 8.56 4.58
CA SER A 7 -3.40 8.13 5.42
C SER A 7 -4.45 7.42 4.57
N GLY A 8 -4.43 6.09 4.60
CA GLY A 8 -5.35 5.33 3.80
C GLY A 8 -4.66 4.20 3.05
N TRP A 9 -3.33 4.29 2.90
CA TRP A 9 -2.58 3.27 2.20
C TRP A 9 -2.10 2.23 3.19
N GLU A 10 -2.24 0.97 2.81
CA GLU A 10 -1.86 -0.15 3.66
C GLU A 10 -0.92 -1.08 2.91
N GLU A 11 0.18 -1.46 3.55
CA GLU A 11 1.14 -2.34 2.92
C GLU A 11 0.79 -3.79 3.23
N ARG A 12 0.44 -4.52 2.19
CA ARG A 12 0.13 -5.93 2.31
C ARG A 12 1.24 -6.76 1.69
N LYS A 13 1.05 -8.06 1.71
CA LYS A 13 2.04 -8.97 1.15
C LYS A 13 1.36 -10.05 0.34
N ASP A 14 2.01 -10.46 -0.74
CA ASP A 14 1.51 -11.54 -1.57
C ASP A 14 2.22 -12.84 -1.17
N ALA A 15 1.76 -13.97 -1.71
CA ALA A 15 2.30 -15.28 -1.36
C ALA A 15 3.78 -15.41 -1.72
N LYS A 16 4.23 -14.66 -2.71
CA LYS A 16 5.62 -14.72 -3.15
C LYS A 16 6.49 -13.82 -2.29
N GLY A 17 5.86 -13.07 -1.39
CA GLY A 17 6.60 -12.22 -0.48
C GLY A 17 6.71 -10.80 -0.99
N ARG A 18 5.94 -10.47 -2.02
CA ARG A 18 5.95 -9.14 -2.58
C ARG A 18 5.09 -8.21 -1.75
N THR A 19 5.51 -6.96 -1.64
CA THR A 19 4.78 -5.96 -0.90
C THR A 19 3.95 -5.09 -1.85
N TYR A 20 2.64 -5.08 -1.66
CA TYR A 20 1.78 -4.24 -2.46
C TYR A 20 0.94 -3.35 -1.56
N TYR A 21 0.63 -2.17 -2.04
CA TYR A 21 -0.05 -1.18 -1.24
C TYR A 21 -1.51 -1.06 -1.64
N VAL A 22 -2.37 -1.29 -0.67
CA VAL A 22 -3.80 -1.28 -0.89
C VAL A 22 -4.44 -0.16 -0.10
N ASN A 23 -4.98 0.81 -0.82
CA ASN A 23 -5.65 1.93 -0.19
C ASN A 23 -7.12 1.60 0.00
N HIS A 24 -7.56 1.55 1.25
CA HIS A 24 -8.92 1.12 1.56
C HIS A 24 -9.91 2.27 1.44
N ASN A 25 -9.40 3.48 1.49
CA ASN A 25 -10.24 4.67 1.40
C ASN A 25 -10.51 5.03 -0.07
N ASN A 26 -9.46 4.94 -0.88
CA ASN A 26 -9.56 5.27 -2.30
C ASN A 26 -9.81 4.02 -3.13
N ARG A 27 -9.87 2.86 -2.46
CA ARG A 27 -10.16 1.58 -3.12
C ARG A 27 -9.18 1.28 -4.24
N THR A 28 -7.91 1.58 -4.02
CA THR A 28 -6.88 1.40 -5.04
C THR A 28 -5.85 0.37 -4.61
N THR A 29 -5.41 -0.43 -5.56
CA THR A 29 -4.41 -1.45 -5.30
C THR A 29 -3.20 -1.25 -6.22
N THR A 30 -2.09 -0.83 -5.66
CA THR A 30 -0.90 -0.56 -6.44
C THR A 30 0.31 -1.30 -5.88
N TRP A 31 1.26 -1.63 -6.75
CA TRP A 31 2.50 -2.25 -6.33
C TRP A 31 3.61 -1.21 -6.35
N THR A 32 3.20 0.04 -6.46
CA THR A 32 4.13 1.17 -6.52
C THR A 32 4.08 1.99 -5.23
N ARG A 33 5.12 2.74 -4.96
CA ARG A 33 5.16 3.59 -3.78
C ARG A 33 4.50 4.94 -4.05
N PRO A 34 3.40 5.22 -3.34
CA PRO A 34 2.71 6.51 -3.43
C PRO A 34 3.38 7.57 -2.56
N ILE A 35 3.61 8.74 -3.13
CA ILE A 35 4.29 9.81 -2.42
C ILE A 35 3.38 11.00 -2.27
N MET A 36 2.12 10.76 -2.49
CA MET A 36 1.08 11.77 -2.37
C MET A 36 -0.27 11.09 -2.26
N GLY A 1 -0.19 0.84 12.26
CA GLY A 1 -0.33 2.05 11.42
C GLY A 1 -0.01 1.78 9.96
N SER A 2 0.57 2.75 9.28
CA SER A 2 0.93 2.60 7.88
C SER A 2 2.45 2.69 7.72
N PRO A 3 3.13 1.54 7.77
CA PRO A 3 4.59 1.47 7.68
C PRO A 3 5.10 1.85 6.29
N GLY A 4 5.64 3.06 6.18
CA GLY A 4 6.14 3.54 4.91
C GLY A 4 5.02 3.88 3.95
N LEU A 5 3.85 4.21 4.48
CA LEU A 5 2.70 4.53 3.65
C LEU A 5 1.95 5.73 4.21
N PRO A 6 1.22 6.43 3.34
CA PRO A 6 0.27 7.47 3.76
C PRO A 6 -0.78 6.90 4.71
N SER A 7 -1.46 7.78 5.42
CA SER A 7 -2.44 7.38 6.42
C SER A 7 -3.57 6.51 5.85
N GLY A 8 -3.69 6.49 4.53
CA GLY A 8 -4.77 5.75 3.91
C GLY A 8 -4.30 4.48 3.20
N TRP A 9 -2.98 4.23 3.18
CA TRP A 9 -2.46 3.09 2.45
C TRP A 9 -2.08 1.97 3.40
N GLU A 10 -2.41 0.75 3.02
CA GLU A 10 -2.08 -0.42 3.81
C GLU A 10 -1.22 -1.37 3.00
N GLU A 11 -0.16 -1.87 3.59
CA GLU A 11 0.74 -2.77 2.90
C GLU A 11 0.32 -4.22 3.13
N ARG A 12 0.02 -4.90 2.04
CA ARG A 12 -0.34 -6.31 2.11
C ARG A 12 0.70 -7.14 1.37
N LYS A 13 0.66 -8.43 1.60
CA LYS A 13 1.64 -9.32 1.00
C LYS A 13 0.95 -10.25 0.03
N ASP A 14 1.56 -10.44 -1.14
CA ASP A 14 1.02 -11.33 -2.16
C ASP A 14 1.08 -12.77 -1.68
N ALA A 15 2.30 -13.21 -1.34
CA ALA A 15 2.55 -14.58 -0.89
C ALA A 15 4.05 -14.83 -0.88
N LYS A 16 4.70 -14.49 -1.98
CA LYS A 16 6.12 -14.77 -2.15
C LYS A 16 6.95 -13.54 -1.83
N GLY A 17 6.62 -12.91 -0.71
CA GLY A 17 7.37 -11.78 -0.24
C GLY A 17 6.97 -10.47 -0.90
N ARG A 18 6.30 -10.57 -2.03
CA ARG A 18 5.89 -9.39 -2.79
C ARG A 18 4.89 -8.57 -2.00
N THR A 19 5.26 -7.34 -1.68
CA THR A 19 4.41 -6.45 -0.92
C THR A 19 3.75 -5.42 -1.85
N TYR A 20 2.45 -5.27 -1.72
CA TYR A 20 1.72 -4.27 -2.49
C TYR A 20 0.95 -3.34 -1.58
N TYR A 21 0.58 -2.20 -2.11
CA TYR A 21 -0.07 -1.17 -1.34
C TYR A 21 -1.54 -1.06 -1.72
N VAL A 22 -2.39 -1.32 -0.76
CA VAL A 22 -3.82 -1.27 -0.98
C VAL A 22 -4.44 -0.15 -0.13
N ASN A 23 -4.98 0.84 -0.80
CA ASN A 23 -5.54 2.00 -0.13
C ASN A 23 -7.02 1.76 0.16
N HIS A 24 -7.35 1.56 1.42
CA HIS A 24 -8.72 1.24 1.83
C HIS A 24 -9.52 2.51 2.08
N ASN A 25 -9.29 3.51 1.26
CA ASN A 25 -10.01 4.78 1.34
C ASN A 25 -10.38 5.23 -0.07
N ASN A 26 -9.42 5.18 -0.96
CA ASN A 26 -9.64 5.47 -2.38
C ASN A 26 -9.95 4.18 -3.14
N ARG A 27 -9.79 3.05 -2.44
CA ARG A 27 -10.08 1.73 -3.00
C ARG A 27 -9.21 1.42 -4.22
N THR A 28 -7.89 1.49 -4.04
CA THR A 28 -6.97 1.18 -5.11
C THR A 28 -5.94 0.15 -4.67
N THR A 29 -5.41 -0.56 -5.66
CA THR A 29 -4.39 -1.58 -5.43
C THR A 29 -3.15 -1.22 -6.23
N THR A 30 -2.16 -0.71 -5.53
CA THR A 30 -0.99 -0.12 -6.16
C THR A 30 0.30 -0.85 -5.76
N TRP A 31 1.17 -1.10 -6.72
CA TRP A 31 2.43 -1.76 -6.46
C TRP A 31 3.56 -0.75 -6.42
N THR A 32 3.31 0.42 -7.01
CA THR A 32 4.28 1.50 -7.04
C THR A 32 4.29 2.26 -5.71
N ARG A 33 5.34 3.03 -5.47
CA ARG A 33 5.41 3.84 -4.27
C ARG A 33 4.55 5.09 -4.43
N PRO A 34 3.56 5.28 -3.55
CA PRO A 34 2.69 6.45 -3.58
C PRO A 34 3.45 7.74 -3.25
N ILE A 35 3.34 8.73 -4.13
CA ILE A 35 4.04 10.00 -3.94
C ILE A 35 3.22 10.92 -3.04
N MET A 36 3.12 10.53 -1.80
CA MET A 36 2.41 11.32 -0.79
C MET A 36 3.24 11.36 0.48
N GLY A 1 10.80 12.32 8.89
CA GLY A 1 9.81 11.73 9.82
C GLY A 1 9.55 10.28 9.51
N SER A 2 8.66 9.66 10.28
CA SER A 2 8.28 8.27 10.06
C SER A 2 7.48 8.13 8.77
N PRO A 3 7.82 7.15 7.93
CA PRO A 3 7.12 6.90 6.67
C PRO A 3 5.77 6.21 6.88
N GLY A 4 4.87 6.91 7.57
CA GLY A 4 3.54 6.39 7.78
C GLY A 4 2.68 6.62 6.56
N LEU A 5 2.06 5.55 6.07
CA LEU A 5 1.27 5.64 4.85
C LEU A 5 0.07 6.56 5.04
N PRO A 6 -0.34 7.22 3.95
CA PRO A 6 -1.48 8.17 3.94
C PRO A 6 -2.81 7.53 4.32
N SER A 7 -3.88 8.23 3.96
CA SER A 7 -5.24 7.86 4.32
C SER A 7 -5.60 6.45 3.85
N GLY A 8 -5.43 5.47 4.74
CA GLY A 8 -5.86 4.13 4.47
C GLY A 8 -4.94 3.37 3.53
N TRP A 9 -3.70 3.83 3.38
CA TRP A 9 -2.74 3.11 2.57
C TRP A 9 -2.13 2.00 3.41
N GLU A 10 -2.13 0.79 2.88
CA GLU A 10 -1.59 -0.34 3.61
C GLU A 10 -0.67 -1.16 2.73
N GLU A 11 0.47 -1.57 3.26
CA GLU A 11 1.36 -2.43 2.53
C GLU A 11 1.01 -3.88 2.82
N ARG A 12 0.61 -4.58 1.78
CA ARG A 12 0.24 -5.98 1.90
C ARG A 12 1.28 -6.85 1.22
N LYS A 13 1.01 -8.13 1.15
CA LYS A 13 1.95 -9.07 0.56
C LYS A 13 1.21 -10.11 -0.27
N ASP A 14 1.67 -10.30 -1.50
CA ASP A 14 1.09 -11.30 -2.39
C ASP A 14 1.66 -12.70 -2.07
N ALA A 15 1.52 -13.09 -0.80
CA ALA A 15 1.96 -14.40 -0.30
C ALA A 15 3.50 -14.54 -0.30
N LYS A 16 4.11 -14.38 -1.47
CA LYS A 16 5.53 -14.61 -1.64
C LYS A 16 6.34 -13.35 -1.30
N GLY A 17 5.83 -12.54 -0.38
CA GLY A 17 6.54 -11.36 0.06
C GLY A 17 6.44 -10.21 -0.93
N ARG A 18 5.62 -10.37 -1.95
CA ARG A 18 5.44 -9.33 -2.95
C ARG A 18 4.59 -8.20 -2.38
N THR A 19 5.25 -7.14 -1.94
CA THR A 19 4.58 -6.01 -1.32
C THR A 19 3.81 -5.17 -2.33
N TYR A 20 2.51 -5.05 -2.10
CA TYR A 20 1.67 -4.14 -2.86
C TYR A 20 0.91 -3.25 -1.88
N TYR A 21 0.74 -1.99 -2.25
CA TYR A 21 0.09 -1.04 -1.36
C TYR A 21 -1.37 -0.90 -1.73
N VAL A 22 -2.22 -1.20 -0.78
CA VAL A 22 -3.66 -1.17 -0.97
C VAL A 22 -4.27 -0.05 -0.13
N ASN A 23 -4.86 0.91 -0.81
CA ASN A 23 -5.54 2.01 -0.16
C ASN A 23 -6.98 1.64 0.10
N HIS A 24 -7.38 1.64 1.36
CA HIS A 24 -8.70 1.18 1.76
C HIS A 24 -9.76 2.24 1.56
N ASN A 25 -9.33 3.50 1.53
CA ASN A 25 -10.27 4.61 1.47
C ASN A 25 -10.84 4.79 0.07
N ASN A 26 -9.97 4.77 -0.93
CA ASN A 26 -10.40 4.90 -2.32
C ASN A 26 -10.27 3.57 -3.05
N ARG A 27 -9.95 2.51 -2.29
CA ARG A 27 -9.81 1.16 -2.82
C ARG A 27 -8.82 1.11 -3.99
N THR A 28 -7.70 1.78 -3.82
CA THR A 28 -6.66 1.80 -4.84
C THR A 28 -5.64 0.71 -4.57
N THR A 29 -5.27 -0.02 -5.61
CA THR A 29 -4.31 -1.09 -5.46
C THR A 29 -3.13 -0.89 -6.40
N THR A 30 -1.99 -0.55 -5.84
CA THR A 30 -0.80 -0.32 -6.63
C THR A 30 0.37 -1.16 -6.10
N TRP A 31 1.26 -1.54 -7.01
CA TRP A 31 2.43 -2.29 -6.64
C TRP A 31 3.63 -1.36 -6.63
N THR A 32 3.35 -0.08 -6.50
CA THR A 32 4.36 0.94 -6.37
C THR A 32 4.20 1.65 -5.04
N ARG A 33 5.25 2.33 -4.58
CA ARG A 33 5.20 3.05 -3.33
C ARG A 33 4.47 4.38 -3.51
N PRO A 34 3.38 4.59 -2.77
CA PRO A 34 2.57 5.80 -2.88
C PRO A 34 3.31 7.04 -2.42
N ILE A 35 3.47 7.99 -3.31
CA ILE A 35 4.06 9.29 -2.98
C ILE A 35 2.96 10.33 -2.93
N MET A 36 1.80 9.87 -2.53
CA MET A 36 0.60 10.67 -2.44
C MET A 36 -0.45 9.88 -1.67
N GLY A 1 7.23 -1.46 5.55
CA GLY A 1 8.02 -2.09 6.62
C GLY A 1 8.96 -1.10 7.26
N SER A 2 10.08 -0.82 6.61
CA SER A 2 11.00 0.21 7.06
C SER A 2 10.38 1.61 6.83
N PRO A 3 9.92 1.91 5.59
CA PRO A 3 9.12 3.10 5.35
C PRO A 3 7.68 2.88 5.78
N GLY A 4 6.94 3.97 5.96
CA GLY A 4 5.58 3.87 6.41
C GLY A 4 4.60 4.31 5.35
N LEU A 5 3.32 4.03 5.56
CA LEU A 5 2.30 4.41 4.60
C LEU A 5 1.35 5.44 5.20
N PRO A 6 0.78 6.29 4.35
CA PRO A 6 -0.30 7.20 4.74
C PRO A 6 -1.44 6.43 5.41
N SER A 7 -2.07 7.03 6.41
CA SER A 7 -3.21 6.40 7.08
C SER A 7 -4.31 6.08 6.07
N GLY A 8 -4.27 4.88 5.54
CA GLY A 8 -5.17 4.50 4.48
C GLY A 8 -4.50 3.56 3.50
N TRP A 9 -3.18 3.68 3.35
CA TRP A 9 -2.44 2.76 2.50
C TRP A 9 -1.98 1.59 3.33
N GLU A 10 -2.21 0.39 2.84
CA GLU A 10 -1.84 -0.81 3.55
C GLU A 10 -0.94 -1.67 2.68
N GLU A 11 0.28 -1.88 3.13
CA GLU A 11 1.18 -2.76 2.40
C GLU A 11 0.91 -4.20 2.74
N ARG A 12 0.25 -4.87 1.82
CA ARG A 12 -0.14 -6.25 1.99
C ARG A 12 0.73 -7.12 1.10
N LYS A 13 0.57 -8.41 1.21
CA LYS A 13 1.39 -9.34 0.47
C LYS A 13 0.54 -10.19 -0.46
N ASP A 14 0.93 -10.24 -1.72
CA ASP A 14 0.20 -11.00 -2.72
C ASP A 14 0.89 -12.33 -2.95
N ALA A 15 2.01 -12.49 -2.27
CA ALA A 15 2.82 -13.69 -2.38
C ALA A 15 3.73 -13.82 -1.16
N LYS A 16 4.82 -14.55 -1.33
CA LYS A 16 5.74 -14.85 -0.23
C LYS A 16 6.78 -13.74 -0.06
N GLY A 17 6.37 -12.52 -0.35
CA GLY A 17 7.28 -11.40 -0.28
C GLY A 17 6.95 -10.31 -1.27
N ARG A 18 5.98 -10.59 -2.13
CA ARG A 18 5.52 -9.58 -3.08
C ARG A 18 4.56 -8.63 -2.36
N THR A 19 5.08 -7.47 -2.01
CA THR A 19 4.32 -6.48 -1.27
C THR A 19 3.68 -5.46 -2.21
N TYR A 20 2.42 -5.16 -1.95
CA TYR A 20 1.70 -4.16 -2.70
C TYR A 20 0.93 -3.25 -1.75
N TYR A 21 0.65 -2.04 -2.18
CA TYR A 21 0.02 -1.06 -1.32
C TYR A 21 -1.44 -0.87 -1.72
N VAL A 22 -2.32 -1.27 -0.82
CA VAL A 22 -3.74 -1.17 -1.05
C VAL A 22 -4.35 -0.07 -0.17
N ASN A 23 -4.78 1.00 -0.81
CA ASN A 23 -5.41 2.10 -0.09
C ASN A 23 -6.87 1.77 0.13
N HIS A 24 -7.27 1.76 1.41
CA HIS A 24 -8.58 1.23 1.80
C HIS A 24 -9.71 2.26 1.65
N ASN A 25 -9.38 3.54 1.55
CA ASN A 25 -10.42 4.56 1.44
C ASN A 25 -10.66 4.92 -0.02
N ASN A 26 -9.59 4.97 -0.81
CA ASN A 26 -9.71 5.27 -2.22
C ASN A 26 -9.81 3.99 -3.04
N ARG A 27 -9.73 2.85 -2.35
CA ARG A 27 -9.89 1.53 -2.97
C ARG A 27 -8.91 1.34 -4.13
N THR A 28 -7.66 1.70 -3.91
CA THR A 28 -6.65 1.59 -4.95
C THR A 28 -5.59 0.56 -4.59
N THR A 29 -5.31 -0.31 -5.53
CA THR A 29 -4.34 -1.37 -5.33
C THR A 29 -3.11 -1.12 -6.20
N THR A 30 -2.09 -0.53 -5.61
CA THR A 30 -0.91 -0.15 -6.36
C THR A 30 0.33 -0.90 -5.88
N TRP A 31 1.21 -1.22 -6.81
CA TRP A 31 2.51 -1.77 -6.47
C TRP A 31 3.53 -0.65 -6.52
N THR A 32 3.01 0.55 -6.70
CA THR A 32 3.81 1.76 -6.83
C THR A 32 3.92 2.48 -5.48
N ARG A 33 5.06 3.09 -5.22
CA ARG A 33 5.26 3.84 -3.99
C ARG A 33 4.40 5.10 -3.99
N PRO A 34 3.50 5.22 -3.00
CA PRO A 34 2.64 6.39 -2.83
C PRO A 34 3.39 7.61 -2.32
N ILE A 35 4.27 8.11 -3.15
CA ILE A 35 5.12 9.26 -2.84
C ILE A 35 6.21 8.92 -1.84
N MET A 36 5.78 8.50 -0.68
CA MET A 36 6.69 8.18 0.41
C MET A 36 6.08 7.11 1.32
N GLY A 1 8.52 4.27 8.11
CA GLY A 1 7.96 5.33 8.99
C GLY A 1 6.96 4.76 9.98
N SER A 2 6.73 5.48 11.06
CA SER A 2 5.82 5.03 12.10
C SER A 2 4.40 4.78 11.56
N PRO A 3 3.75 5.77 10.90
CA PRO A 3 2.40 5.57 10.33
C PRO A 3 2.40 4.54 9.20
N GLY A 4 3.58 4.30 8.64
CA GLY A 4 3.71 3.37 7.54
C GLY A 4 3.33 4.00 6.21
N LEU A 5 2.07 4.37 6.09
CA LEU A 5 1.54 4.92 4.86
C LEU A 5 0.58 6.08 5.15
N PRO A 6 0.10 6.79 4.11
CA PRO A 6 -0.91 7.88 4.22
C PRO A 6 -2.26 7.49 4.85
N SER A 7 -2.21 6.70 5.93
CA SER A 7 -3.40 6.27 6.67
C SER A 7 -4.32 5.35 5.86
N GLY A 8 -4.80 5.84 4.72
CA GLY A 8 -5.68 5.05 3.88
C GLY A 8 -4.94 3.97 3.14
N TRP A 9 -3.62 4.13 3.02
CA TRP A 9 -2.80 3.15 2.35
C TRP A 9 -2.37 2.07 3.32
N GLU A 10 -2.41 0.83 2.87
CA GLU A 10 -2.00 -0.29 3.69
C GLU A 10 -0.99 -1.14 2.93
N GLU A 11 0.17 -1.33 3.51
CA GLU A 11 1.20 -2.14 2.89
C GLU A 11 0.95 -3.61 3.20
N ARG A 12 0.71 -4.39 2.15
CA ARG A 12 0.43 -5.81 2.29
C ARG A 12 1.42 -6.62 1.50
N LYS A 13 1.24 -7.93 1.48
CA LYS A 13 2.14 -8.82 0.77
C LYS A 13 1.36 -9.81 -0.06
N ASP A 14 1.81 -10.05 -1.27
CA ASP A 14 1.14 -10.99 -2.17
C ASP A 14 1.47 -12.43 -1.80
N ALA A 15 0.98 -13.38 -2.60
CA ALA A 15 1.20 -14.80 -2.35
C ALA A 15 2.69 -15.16 -2.39
N LYS A 16 3.46 -14.41 -3.16
CA LYS A 16 4.90 -14.63 -3.24
C LYS A 16 5.61 -13.95 -2.07
N GLY A 17 5.02 -12.89 -1.55
CA GLY A 17 5.57 -12.23 -0.39
C GLY A 17 6.08 -10.83 -0.69
N ARG A 18 5.72 -10.30 -1.85
CA ARG A 18 6.12 -8.96 -2.23
C ARG A 18 5.18 -7.93 -1.63
N THR A 19 5.74 -6.81 -1.21
CA THR A 19 4.96 -5.75 -0.61
C THR A 19 4.26 -4.91 -1.66
N TYR A 20 2.95 -4.79 -1.54
CA TYR A 20 2.17 -3.89 -2.37
C TYR A 20 1.33 -2.99 -1.50
N TYR A 21 0.86 -1.89 -2.05
CA TYR A 21 0.17 -0.89 -1.28
C TYR A 21 -1.30 -0.81 -1.68
N VAL A 22 -2.14 -1.23 -0.77
CA VAL A 22 -3.57 -1.26 -1.02
C VAL A 22 -4.27 -0.17 -0.20
N ASN A 23 -4.71 0.86 -0.89
CA ASN A 23 -5.43 1.95 -0.26
C ASN A 23 -6.89 1.56 -0.10
N HIS A 24 -7.31 1.39 1.13
CA HIS A 24 -8.67 0.94 1.42
C HIS A 24 -9.65 2.11 1.34
N ASN A 25 -9.10 3.32 1.41
CA ASN A 25 -9.91 4.53 1.34
C ASN A 25 -10.23 4.86 -0.11
N ASN A 26 -9.23 4.69 -0.98
CA ASN A 26 -9.38 5.01 -2.40
C ASN A 26 -9.70 3.76 -3.20
N ARG A 27 -9.70 2.61 -2.52
CA ARG A 27 -9.98 1.32 -3.15
C ARG A 27 -9.00 1.04 -4.29
N THR A 28 -7.70 1.15 -3.98
CA THR A 28 -6.67 0.91 -4.98
C THR A 28 -5.69 -0.16 -4.52
N THR A 29 -5.39 -1.12 -5.38
CA THR A 29 -4.37 -2.11 -5.11
C THR A 29 -3.12 -1.76 -5.90
N THR A 30 -2.39 -0.81 -5.40
CA THR A 30 -1.30 -0.21 -6.13
C THR A 30 0.03 -0.92 -5.86
N TRP A 31 0.72 -1.30 -6.93
CA TRP A 31 2.02 -1.94 -6.81
C TRP A 31 3.12 -0.92 -7.08
N THR A 32 3.14 0.12 -6.28
CA THR A 32 4.08 1.22 -6.44
C THR A 32 4.05 2.10 -5.18
N ARG A 33 5.18 2.68 -4.83
CA ARG A 33 5.24 3.57 -3.68
C ARG A 33 4.45 4.85 -3.95
N PRO A 34 3.36 5.07 -3.20
CA PRO A 34 2.48 6.22 -3.39
C PRO A 34 3.09 7.52 -2.89
N ILE A 35 2.61 8.63 -3.43
CA ILE A 35 3.05 9.95 -3.00
C ILE A 35 2.06 10.50 -1.98
N MET A 36 0.88 9.93 -2.04
CA MET A 36 -0.24 10.26 -1.18
C MET A 36 -1.46 9.45 -1.58
N GLY A 1 8.24 9.53 11.88
CA GLY A 1 7.73 10.80 11.28
C GLY A 1 6.47 10.56 10.49
N SER A 2 6.62 10.13 9.25
CA SER A 2 5.49 9.78 8.41
C SER A 2 4.84 8.50 8.93
N PRO A 3 3.50 8.39 8.85
CA PRO A 3 2.76 7.24 9.38
C PRO A 3 2.86 5.99 8.49
N GLY A 4 4.04 5.76 7.92
CA GLY A 4 4.24 4.60 7.07
C GLY A 4 3.67 4.79 5.68
N LEU A 5 2.39 5.08 5.61
CA LEU A 5 1.69 5.28 4.36
C LEU A 5 0.70 6.42 4.50
N PRO A 6 0.32 7.08 3.38
CA PRO A 6 -0.72 8.11 3.37
C PRO A 6 -2.03 7.63 3.99
N SER A 7 -2.90 8.57 4.32
CA SER A 7 -4.16 8.28 4.98
C SER A 7 -5.03 7.36 4.11
N GLY A 8 -4.95 6.06 4.38
CA GLY A 8 -5.75 5.11 3.65
C GLY A 8 -4.94 3.98 3.06
N TRP A 9 -3.62 4.14 2.94
CA TRP A 9 -2.80 3.12 2.33
C TRP A 9 -2.36 2.10 3.37
N GLU A 10 -2.47 0.83 3.02
CA GLU A 10 -2.04 -0.25 3.90
C GLU A 10 -1.06 -1.15 3.16
N GLU A 11 0.05 -1.47 3.80
CA GLU A 11 1.07 -2.31 3.20
C GLU A 11 0.79 -3.78 3.46
N ARG A 12 0.57 -4.52 2.39
CA ARG A 12 0.34 -5.95 2.50
C ARG A 12 1.37 -6.71 1.70
N LYS A 13 1.22 -8.01 1.69
CA LYS A 13 2.16 -8.90 1.03
C LYS A 13 1.40 -10.02 0.35
N ASP A 14 1.68 -10.24 -0.91
CA ASP A 14 1.00 -11.30 -1.65
C ASP A 14 1.65 -12.65 -1.37
N ALA A 15 1.08 -13.70 -1.92
CA ALA A 15 1.58 -15.07 -1.71
C ALA A 15 3.00 -15.21 -2.25
N LYS A 16 3.37 -14.31 -3.15
CA LYS A 16 4.72 -14.29 -3.70
C LYS A 16 5.72 -13.79 -2.65
N GLY A 17 5.24 -12.98 -1.73
CA GLY A 17 6.10 -12.43 -0.71
C GLY A 17 6.30 -10.93 -0.85
N ARG A 18 6.11 -10.44 -2.08
CA ARG A 18 6.35 -9.03 -2.39
C ARG A 18 5.31 -8.12 -1.73
N THR A 19 5.78 -6.95 -1.31
CA THR A 19 4.92 -5.95 -0.66
C THR A 19 4.21 -5.08 -1.68
N TYR A 20 2.93 -4.80 -1.42
CA TYR A 20 2.18 -3.86 -2.23
C TYR A 20 1.27 -3.04 -1.32
N TYR A 21 0.79 -1.92 -1.81
CA TYR A 21 0.01 -1.00 -1.00
C TYR A 21 -1.43 -0.97 -1.45
N VAL A 22 -2.32 -1.32 -0.54
CA VAL A 22 -3.74 -1.31 -0.82
C VAL A 22 -4.42 -0.17 -0.06
N ASN A 23 -4.94 0.78 -0.81
CA ASN A 23 -5.60 1.94 -0.23
C ASN A 23 -7.08 1.64 -0.04
N HIS A 24 -7.50 1.59 1.21
CA HIS A 24 -8.88 1.24 1.55
C HIS A 24 -9.79 2.44 1.38
N ASN A 25 -9.19 3.62 1.31
CA ASN A 25 -9.93 4.87 1.17
C ASN A 25 -10.23 5.14 -0.30
N ASN A 26 -9.31 4.73 -1.16
CA ASN A 26 -9.44 4.96 -2.60
C ASN A 26 -9.86 3.69 -3.32
N ARG A 27 -9.80 2.56 -2.62
CA ARG A 27 -10.15 1.24 -3.19
C ARG A 27 -9.17 0.85 -4.28
N THR A 28 -7.90 1.17 -4.10
CA THR A 28 -6.89 0.86 -5.10
C THR A 28 -5.77 0.00 -4.52
N THR A 29 -5.31 -0.94 -5.31
CA THR A 29 -4.22 -1.82 -4.92
C THR A 29 -3.00 -1.57 -5.80
N THR A 30 -2.12 -0.71 -5.34
CA THR A 30 -0.99 -0.29 -6.15
C THR A 30 0.27 -1.08 -5.80
N TRP A 31 1.10 -1.31 -6.81
CA TRP A 31 2.36 -2.01 -6.63
C TRP A 31 3.52 -1.02 -6.72
N THR A 32 3.17 0.26 -6.77
CA THR A 32 4.15 1.31 -6.86
C THR A 32 4.18 2.09 -5.54
N ARG A 33 5.24 2.83 -5.30
CA ARG A 33 5.33 3.67 -4.11
C ARG A 33 4.49 4.93 -4.32
N PRO A 34 3.50 5.16 -3.44
CA PRO A 34 2.58 6.31 -3.56
C PRO A 34 3.30 7.64 -3.39
N ILE A 35 2.58 8.73 -3.67
CA ILE A 35 3.15 10.07 -3.58
C ILE A 35 3.16 10.56 -2.14
N MET A 36 3.98 9.92 -1.33
CA MET A 36 4.15 10.30 0.06
C MET A 36 5.27 11.31 0.20
N GLY A 1 15.12 -0.59 1.14
CA GLY A 1 13.91 0.26 1.01
C GLY A 1 13.21 0.43 2.33
N SER A 2 12.20 1.30 2.37
CA SER A 2 11.45 1.56 3.58
C SER A 2 9.95 1.59 3.29
N PRO A 3 9.13 1.09 4.21
CA PRO A 3 7.67 1.14 4.11
C PRO A 3 7.13 2.52 4.48
N GLY A 4 6.32 2.58 5.52
CA GLY A 4 5.79 3.86 6.00
C GLY A 4 4.75 4.43 5.07
N LEU A 5 3.51 4.00 5.23
CA LEU A 5 2.43 4.44 4.37
C LEU A 5 1.59 5.52 5.03
N PRO A 6 0.88 6.31 4.20
CA PRO A 6 -0.13 7.27 4.66
C PRO A 6 -1.20 6.59 5.52
N SER A 7 -2.01 7.40 6.21
CA SER A 7 -3.03 6.87 7.11
C SER A 7 -4.10 6.09 6.34
N GLY A 8 -4.05 6.15 5.02
CA GLY A 8 -5.03 5.46 4.22
C GLY A 8 -4.45 4.32 3.40
N TRP A 9 -3.14 4.08 3.50
CA TRP A 9 -2.52 3.03 2.71
C TRP A 9 -2.10 1.89 3.63
N GLU A 10 -2.45 0.68 3.25
CA GLU A 10 -2.07 -0.51 4.01
C GLU A 10 -1.12 -1.35 3.19
N GLU A 11 -0.04 -1.79 3.80
CA GLU A 11 0.93 -2.62 3.12
C GLU A 11 0.52 -4.08 3.24
N ARG A 12 0.28 -4.72 2.10
CA ARG A 12 -0.12 -6.11 2.10
C ARG A 12 0.95 -6.95 1.42
N LYS A 13 0.76 -8.25 1.43
CA LYS A 13 1.72 -9.17 0.86
C LYS A 13 1.00 -10.29 0.11
N ASP A 14 1.44 -10.56 -1.10
CA ASP A 14 0.83 -11.59 -1.92
C ASP A 14 1.44 -12.96 -1.63
N ALA A 15 1.93 -13.13 -0.40
CA ALA A 15 2.50 -14.40 0.08
C ALA A 15 3.87 -14.71 -0.54
N LYS A 16 4.07 -14.33 -1.79
CA LYS A 16 5.32 -14.60 -2.49
C LYS A 16 6.31 -13.44 -2.30
N GLY A 17 6.27 -12.86 -1.11
CA GLY A 17 7.18 -11.76 -0.78
C GLY A 17 6.81 -10.48 -1.51
N ARG A 18 5.69 -10.52 -2.20
CA ARG A 18 5.24 -9.39 -2.99
C ARG A 18 4.50 -8.39 -2.12
N THR A 19 5.17 -7.32 -1.75
CA THR A 19 4.55 -6.29 -0.94
C THR A 19 3.90 -5.24 -1.82
N TYR A 20 2.61 -5.03 -1.64
CA TYR A 20 1.90 -4.03 -2.41
C TYR A 20 1.12 -3.13 -1.48
N TYR A 21 0.80 -1.94 -1.96
CA TYR A 21 0.14 -0.94 -1.16
C TYR A 21 -1.33 -0.82 -1.55
N VAL A 22 -2.19 -1.12 -0.61
CA VAL A 22 -3.63 -1.07 -0.84
C VAL A 22 -4.24 0.09 -0.05
N ASN A 23 -4.76 1.05 -0.78
CA ASN A 23 -5.37 2.23 -0.18
C ASN A 23 -6.82 1.93 0.16
N HIS A 24 -7.18 2.16 1.42
CA HIS A 24 -8.50 1.73 1.92
C HIS A 24 -9.58 2.74 1.61
N ASN A 25 -9.19 3.93 1.20
CA ASN A 25 -10.15 4.98 0.88
C ASN A 25 -10.66 4.81 -0.54
N ASN A 26 -9.73 4.84 -1.49
CA ASN A 26 -10.07 4.75 -2.90
C ASN A 26 -10.13 3.29 -3.36
N ARG A 27 -9.58 2.41 -2.54
CA ARG A 27 -9.55 0.97 -2.81
C ARG A 27 -8.62 0.64 -3.97
N THR A 28 -7.53 1.39 -4.08
CA THR A 28 -6.55 1.15 -5.11
C THR A 28 -5.54 0.12 -4.66
N THR A 29 -5.24 -0.83 -5.54
CA THR A 29 -4.23 -1.84 -5.26
C THR A 29 -2.97 -1.49 -6.04
N THR A 30 -2.09 -0.75 -5.38
CA THR A 30 -0.98 -0.11 -6.05
C THR A 30 0.33 -0.84 -5.72
N TRP A 31 1.01 -1.29 -6.77
CA TRP A 31 2.28 -2.00 -6.64
C TRP A 31 3.46 -1.05 -6.85
N THR A 32 3.32 0.14 -6.32
CA THR A 32 4.33 1.18 -6.46
C THR A 32 4.18 2.17 -5.32
N ARG A 33 5.10 3.11 -5.19
CA ARG A 33 4.99 4.10 -4.15
C ARG A 33 3.91 5.12 -4.50
N PRO A 34 3.05 5.46 -3.51
CA PRO A 34 2.03 6.51 -3.65
C PRO A 34 2.60 7.84 -4.14
N ILE A 35 1.73 8.84 -4.24
CA ILE A 35 2.06 10.08 -4.94
C ILE A 35 2.40 9.76 -6.39
N MET A 36 1.60 8.89 -6.96
CA MET A 36 1.73 8.48 -8.35
C MET A 36 0.36 8.35 -8.96
N GLY A 1 4.69 4.82 16.56
CA GLY A 1 5.25 5.98 15.84
C GLY A 1 6.17 5.58 14.70
N SER A 2 5.67 4.72 13.81
CA SER A 2 6.45 4.28 12.67
C SER A 2 5.86 4.80 11.37
N PRO A 3 6.55 5.75 10.72
CA PRO A 3 6.13 6.31 9.44
C PRO A 3 6.30 5.32 8.30
N GLY A 4 5.24 5.10 7.54
CA GLY A 4 5.29 4.17 6.43
C GLY A 4 4.54 4.69 5.23
N LEU A 5 3.25 4.42 5.19
CA LEU A 5 2.42 4.83 4.07
C LEU A 5 1.58 6.05 4.44
N PRO A 6 0.92 6.67 3.45
CA PRO A 6 -0.01 7.80 3.67
C PRO A 6 -1.18 7.44 4.60
N SER A 7 -2.17 8.32 4.61
CA SER A 7 -3.31 8.21 5.50
C SER A 7 -4.06 6.88 5.34
N GLY A 8 -4.39 6.52 4.10
CA GLY A 8 -5.24 5.36 3.88
C GLY A 8 -4.56 4.23 3.12
N TRP A 9 -3.24 4.21 3.09
CA TRP A 9 -2.53 3.17 2.37
C TRP A 9 -2.04 2.10 3.34
N GLU A 10 -2.14 0.86 2.93
CA GLU A 10 -1.67 -0.26 3.72
C GLU A 10 -0.87 -1.20 2.83
N GLU A 11 0.37 -1.48 3.23
CA GLU A 11 1.22 -2.37 2.47
C GLU A 11 0.95 -3.82 2.84
N ARG A 12 0.54 -4.60 1.87
CA ARG A 12 0.26 -6.01 2.08
C ARG A 12 1.22 -6.86 1.24
N LYS A 13 0.92 -8.13 1.12
CA LYS A 13 1.81 -9.07 0.46
C LYS A 13 1.04 -9.97 -0.49
N ASP A 14 1.69 -10.38 -1.57
CA ASP A 14 1.10 -11.30 -2.53
C ASP A 14 1.15 -12.73 -2.00
N ALA A 15 0.93 -13.70 -2.89
CA ALA A 15 0.93 -15.11 -2.50
C ALA A 15 2.28 -15.57 -1.93
N LYS A 16 3.34 -14.83 -2.22
CA LYS A 16 4.66 -15.21 -1.76
C LYS A 16 5.14 -14.28 -0.65
N GLY A 17 5.06 -12.98 -0.89
CA GLY A 17 5.50 -12.01 0.09
C GLY A 17 5.95 -10.70 -0.52
N ARG A 18 5.51 -10.43 -1.74
CA ARG A 18 5.84 -9.17 -2.39
C ARG A 18 4.97 -8.05 -1.83
N THR A 19 5.60 -6.96 -1.43
CA THR A 19 4.90 -5.86 -0.80
C THR A 19 4.23 -4.96 -1.84
N TYR A 20 2.91 -4.97 -1.83
CA TYR A 20 2.15 -4.05 -2.66
C TYR A 20 1.26 -3.19 -1.77
N TYR A 21 0.87 -2.04 -2.28
CA TYR A 21 0.15 -1.06 -1.47
C TYR A 21 -1.31 -1.02 -1.85
N VAL A 22 -2.17 -1.27 -0.88
CA VAL A 22 -3.59 -1.24 -1.11
C VAL A 22 -4.25 -0.18 -0.22
N ASN A 23 -4.73 0.86 -0.86
CA ASN A 23 -5.44 1.92 -0.17
C ASN A 23 -6.86 1.46 0.15
N HIS A 24 -7.26 1.57 1.39
CA HIS A 24 -8.49 0.94 1.85
C HIS A 24 -9.70 1.88 1.81
N ASN A 25 -9.47 3.17 1.68
CA ASN A 25 -10.57 4.13 1.62
C ASN A 25 -10.81 4.60 0.19
N ASN A 26 -9.80 4.45 -0.65
CA ASN A 26 -9.93 4.77 -2.07
C ASN A 26 -10.01 3.49 -2.90
N ARG A 27 -9.62 2.37 -2.27
CA ARG A 27 -9.69 1.05 -2.88
C ARG A 27 -8.76 0.94 -4.09
N THR A 28 -7.51 1.34 -3.91
CA THR A 28 -6.52 1.27 -4.97
C THR A 28 -5.44 0.24 -4.63
N THR A 29 -5.20 -0.65 -5.57
CA THR A 29 -4.15 -1.65 -5.42
C THR A 29 -2.99 -1.32 -6.35
N THR A 30 -1.92 -0.79 -5.79
CA THR A 30 -0.82 -0.32 -6.60
C THR A 30 0.50 -0.96 -6.17
N TRP A 31 1.38 -1.16 -7.15
CA TRP A 31 2.72 -1.64 -6.88
C TRP A 31 3.70 -0.48 -7.06
N THR A 32 3.28 0.69 -6.60
CA THR A 32 4.06 1.90 -6.73
C THR A 32 4.01 2.67 -5.42
N ARG A 33 5.03 3.48 -5.16
CA ARG A 33 5.09 4.25 -3.93
C ARG A 33 4.13 5.44 -3.97
N PRO A 34 3.08 5.40 -3.13
CA PRO A 34 2.06 6.46 -3.07
C PRO A 34 2.65 7.80 -2.64
N ILE A 35 2.02 8.88 -3.11
CA ILE A 35 2.50 10.22 -2.80
C ILE A 35 1.49 10.98 -1.96
N MET A 36 0.36 10.35 -1.74
CA MET A 36 -0.73 10.95 -1.01
C MET A 36 -1.75 9.88 -0.63
N GLY A 1 12.74 0.56 5.44
CA GLY A 1 11.50 1.30 5.16
C GLY A 1 11.06 2.18 6.32
N SER A 2 11.60 3.39 6.38
CA SER A 2 11.25 4.34 7.42
C SER A 2 9.95 5.10 7.05
N PRO A 3 9.86 5.70 5.85
CA PRO A 3 8.64 6.39 5.41
C PRO A 3 7.51 5.41 5.14
N GLY A 4 6.44 5.52 5.93
CA GLY A 4 5.31 4.63 5.77
C GLY A 4 4.37 5.08 4.67
N LEU A 5 3.08 5.00 4.93
CA LEU A 5 2.08 5.35 3.94
C LEU A 5 1.14 6.41 4.48
N PRO A 6 0.32 7.00 3.60
CA PRO A 6 -0.81 7.82 4.01
C PRO A 6 -1.76 7.03 4.92
N SER A 7 -2.63 7.73 5.62
CA SER A 7 -3.55 7.08 6.56
C SER A 7 -4.55 6.18 5.83
N GLY A 8 -4.56 6.27 4.51
CA GLY A 8 -5.44 5.43 3.72
C GLY A 8 -4.74 4.22 3.12
N TRP A 9 -3.42 4.27 3.00
CA TRP A 9 -2.68 3.22 2.31
C TRP A 9 -2.15 2.22 3.31
N GLU A 10 -2.14 0.96 2.95
CA GLU A 10 -1.61 -0.08 3.81
C GLU A 10 -0.75 -1.05 3.00
N GLU A 11 0.43 -1.34 3.51
CA GLU A 11 1.32 -2.27 2.84
C GLU A 11 0.95 -3.70 3.22
N ARG A 12 0.72 -4.51 2.20
CA ARG A 12 0.38 -5.91 2.39
C ARG A 12 1.39 -6.79 1.70
N LYS A 13 1.04 -8.05 1.55
CA LYS A 13 1.91 -9.02 0.91
C LYS A 13 1.11 -9.88 -0.05
N ASP A 14 1.77 -10.33 -1.10
CA ASP A 14 1.16 -11.24 -2.06
C ASP A 14 1.54 -12.67 -1.69
N ALA A 15 1.02 -13.64 -2.43
CA ALA A 15 1.27 -15.05 -2.14
C ALA A 15 2.77 -15.39 -2.23
N LYS A 16 3.50 -14.64 -3.04
CA LYS A 16 4.92 -14.88 -3.22
C LYS A 16 5.75 -14.12 -2.18
N GLY A 17 5.09 -13.23 -1.44
CA GLY A 17 5.78 -12.50 -0.38
C GLY A 17 6.16 -11.09 -0.78
N ARG A 18 5.64 -10.62 -1.90
CA ARG A 18 5.93 -9.26 -2.36
C ARG A 18 5.12 -8.26 -1.55
N THR A 19 5.55 -7.00 -1.59
CA THR A 19 4.88 -5.95 -0.83
C THR A 19 4.14 -5.01 -1.77
N TYR A 20 2.82 -4.96 -1.63
CA TYR A 20 2.01 -4.02 -2.41
C TYR A 20 1.18 -3.17 -1.48
N TYR A 21 0.75 -2.02 -1.96
CA TYR A 21 0.03 -1.06 -1.15
C TYR A 21 -1.44 -1.05 -1.53
N VAL A 22 -2.27 -1.39 -0.57
CA VAL A 22 -3.70 -1.42 -0.75
C VAL A 22 -4.35 -0.26 0.02
N ASN A 23 -4.86 0.69 -0.73
CA ASN A 23 -5.52 1.86 -0.18
C ASN A 23 -6.97 1.53 0.13
N HIS A 24 -7.34 1.68 1.39
CA HIS A 24 -8.67 1.28 1.84
C HIS A 24 -9.71 2.35 1.52
N ASN A 25 -9.26 3.58 1.33
CA ASN A 25 -10.17 4.69 1.08
C ASN A 25 -10.76 4.61 -0.31
N ASN A 26 -9.91 4.61 -1.33
CA ASN A 26 -10.38 4.59 -2.71
C ASN A 26 -10.29 3.20 -3.31
N ARG A 27 -9.85 2.24 -2.49
CA ARG A 27 -9.69 0.84 -2.91
C ARG A 27 -8.65 0.71 -4.03
N THR A 28 -7.69 1.61 -4.04
CA THR A 28 -6.62 1.54 -5.02
C THR A 28 -5.54 0.56 -4.57
N THR A 29 -5.17 -0.34 -5.45
CA THR A 29 -4.17 -1.34 -5.13
C THR A 29 -2.97 -1.20 -6.05
N THR A 30 -1.88 -0.71 -5.52
CA THR A 30 -0.70 -0.45 -6.34
C THR A 30 0.55 -1.10 -5.76
N TRP A 31 1.45 -1.48 -6.64
CA TRP A 31 2.75 -1.97 -6.24
C TRP A 31 3.76 -0.82 -6.34
N THR A 32 3.21 0.36 -6.59
CA THR A 32 3.97 1.57 -6.78
C THR A 32 3.90 2.45 -5.54
N ARG A 33 4.94 3.24 -5.29
CA ARG A 33 4.96 4.14 -4.16
C ARG A 33 4.03 5.33 -4.40
N PRO A 34 3.04 5.51 -3.51
CA PRO A 34 2.07 6.61 -3.60
C PRO A 34 2.74 7.96 -3.44
N ILE A 35 2.59 8.80 -4.45
CA ILE A 35 3.19 10.13 -4.41
C ILE A 35 2.25 11.13 -3.73
N MET A 36 2.36 11.17 -2.41
CA MET A 36 1.57 12.07 -1.60
C MET A 36 2.38 13.31 -1.23
N GLY A 1 -1.09 6.81 13.27
CA GLY A 1 0.39 6.76 13.24
C GLY A 1 0.91 5.90 12.11
N SER A 2 0.79 6.40 10.89
CA SER A 2 1.22 5.65 9.72
C SER A 2 2.09 6.52 8.81
N PRO A 3 3.42 6.38 8.93
CA PRO A 3 4.36 7.10 8.09
C PRO A 3 4.68 6.32 6.81
N GLY A 4 5.42 6.94 5.90
CA GLY A 4 5.82 6.28 4.67
C GLY A 4 4.77 6.36 3.59
N LEU A 5 3.53 6.01 3.94
CA LEU A 5 2.42 6.04 3.01
C LEU A 5 1.50 7.21 3.32
N PRO A 6 0.76 7.68 2.30
CA PRO A 6 -0.31 8.66 2.49
C PRO A 6 -1.36 8.14 3.47
N SER A 7 -2.09 9.05 4.10
CA SER A 7 -3.13 8.68 5.05
C SER A 7 -4.25 7.90 4.35
N GLY A 8 -4.10 6.58 4.31
CA GLY A 8 -5.08 5.75 3.65
C GLY A 8 -4.45 4.60 2.91
N TRP A 9 -3.14 4.67 2.67
CA TRP A 9 -2.45 3.60 1.97
C TRP A 9 -1.87 2.62 2.97
N GLU A 10 -1.88 1.34 2.62
CA GLU A 10 -1.40 0.30 3.50
C GLU A 10 -0.57 -0.71 2.72
N GLU A 11 0.56 -1.12 3.29
CA GLU A 11 1.42 -2.10 2.66
C GLU A 11 0.98 -3.51 3.06
N ARG A 12 0.71 -4.34 2.08
CA ARG A 12 0.29 -5.71 2.33
C ARG A 12 1.09 -6.68 1.47
N LYS A 13 0.91 -7.96 1.72
CA LYS A 13 1.71 -8.98 1.05
C LYS A 13 0.84 -9.90 0.22
N ASP A 14 1.47 -10.59 -0.71
CA ASP A 14 0.78 -11.57 -1.53
C ASP A 14 1.26 -12.98 -1.18
N ALA A 15 0.85 -13.98 -1.97
CA ALA A 15 1.22 -15.36 -1.70
C ALA A 15 2.66 -15.65 -2.10
N LYS A 16 3.27 -14.76 -2.85
CA LYS A 16 4.66 -14.94 -3.28
C LYS A 16 5.60 -14.34 -2.25
N GLY A 17 5.18 -13.24 -1.62
CA GLY A 17 6.00 -12.59 -0.61
C GLY A 17 6.36 -11.18 -1.00
N ARG A 18 5.59 -10.60 -1.91
CA ARG A 18 5.83 -9.25 -2.37
C ARG A 18 4.97 -8.26 -1.59
N THR A 19 5.42 -7.02 -1.50
CA THR A 19 4.69 -5.98 -0.80
C THR A 19 4.07 -5.00 -1.79
N TYR A 20 2.75 -4.95 -1.80
CA TYR A 20 2.02 -3.99 -2.62
C TYR A 20 1.28 -3.03 -1.71
N TYR A 21 0.83 -1.92 -2.25
CA TYR A 21 0.16 -0.92 -1.45
C TYR A 21 -1.31 -0.84 -1.81
N VAL A 22 -2.13 -1.04 -0.81
CA VAL A 22 -3.57 -1.03 -0.98
C VAL A 22 -4.17 0.13 -0.20
N ASN A 23 -4.81 1.04 -0.91
CA ASN A 23 -5.49 2.16 -0.29
C ASN A 23 -6.87 1.70 0.16
N HIS A 24 -7.23 2.03 1.39
CA HIS A 24 -8.42 1.45 2.00
C HIS A 24 -9.69 2.23 1.69
N ASN A 25 -9.58 3.54 1.54
CA ASN A 25 -10.75 4.37 1.25
C ASN A 25 -11.01 4.43 -0.25
N ASN A 26 -9.93 4.42 -1.03
CA ASN A 26 -10.02 4.43 -2.49
C ASN A 26 -10.18 3.01 -3.02
N ARG A 27 -9.63 2.05 -2.27
CA ARG A 27 -9.64 0.64 -2.66
C ARG A 27 -8.81 0.43 -3.93
N THR A 28 -7.62 1.01 -3.95
CA THR A 28 -6.71 0.85 -5.06
C THR A 28 -5.52 -0.02 -4.64
N THR A 29 -5.18 -0.99 -5.47
CA THR A 29 -4.07 -1.87 -5.19
C THR A 29 -2.94 -1.63 -6.19
N THR A 30 -1.92 -0.91 -5.75
CA THR A 30 -0.84 -0.53 -6.63
C THR A 30 0.49 -1.06 -6.13
N TRP A 31 1.40 -1.33 -7.04
CA TRP A 31 2.71 -1.84 -6.69
C TRP A 31 3.73 -0.69 -6.72
N THR A 32 3.34 0.41 -6.11
CA THR A 32 4.16 1.59 -6.04
C THR A 32 3.77 2.40 -4.80
N ARG A 33 4.73 2.98 -4.12
CA ARG A 33 4.44 3.79 -2.94
C ARG A 33 4.17 5.22 -3.35
N PRO A 34 2.92 5.65 -3.18
CA PRO A 34 2.44 6.94 -3.65
C PRO A 34 2.94 8.10 -2.81
N ILE A 35 3.52 9.08 -3.46
CA ILE A 35 3.95 10.30 -2.78
C ILE A 35 2.77 11.27 -2.72
N MET A 36 1.82 10.92 -1.88
CA MET A 36 0.59 11.69 -1.68
C MET A 36 -0.30 11.62 -2.90
N GLY A 1 11.75 9.22 1.64
CA GLY A 1 11.00 7.99 1.96
C GLY A 1 10.54 7.96 3.41
N SER A 2 9.36 8.49 3.66
CA SER A 2 8.78 8.51 5.00
C SER A 2 8.35 7.11 5.43
N PRO A 3 8.57 6.75 6.70
CA PRO A 3 8.20 5.45 7.26
C PRO A 3 6.70 5.37 7.58
N GLY A 4 5.88 5.85 6.65
CA GLY A 4 4.45 5.83 6.84
C GLY A 4 3.73 6.10 5.53
N LEU A 5 2.52 5.59 5.41
CA LEU A 5 1.77 5.74 4.17
C LEU A 5 0.78 6.90 4.28
N PRO A 6 0.33 7.44 3.12
CA PRO A 6 -0.68 8.50 3.07
C PRO A 6 -2.02 8.06 3.65
N SER A 7 -2.98 8.97 3.62
CA SER A 7 -4.30 8.72 4.20
C SER A 7 -4.99 7.52 3.56
N GLY A 8 -5.01 6.41 4.29
CA GLY A 8 -5.75 5.24 3.86
C GLY A 8 -4.89 4.22 3.13
N TRP A 9 -3.58 4.45 3.07
CA TRP A 9 -2.72 3.51 2.36
C TRP A 9 -2.19 2.47 3.34
N GLU A 10 -2.29 1.21 2.98
CA GLU A 10 -1.80 0.13 3.80
C GLU A 10 -0.98 -0.82 2.95
N GLU A 11 0.06 -1.41 3.53
CA GLU A 11 0.89 -2.34 2.80
C GLU A 11 0.49 -3.77 3.12
N ARG A 12 0.43 -4.58 2.09
CA ARG A 12 0.12 -5.99 2.22
C ARG A 12 1.15 -6.79 1.45
N LYS A 13 1.04 -8.11 1.51
CA LYS A 13 2.01 -8.96 0.86
C LYS A 13 1.33 -10.11 0.12
N ASP A 14 1.79 -10.35 -1.09
CA ASP A 14 1.38 -11.50 -1.87
C ASP A 14 1.91 -12.76 -1.19
N ALA A 15 1.32 -13.91 -1.50
CA ALA A 15 1.72 -15.17 -0.89
C ALA A 15 3.21 -15.47 -1.12
N LYS A 16 3.75 -14.98 -2.23
CA LYS A 16 5.15 -15.20 -2.55
C LYS A 16 6.04 -14.16 -1.89
N GLY A 17 5.43 -13.30 -1.08
CA GLY A 17 6.20 -12.29 -0.37
C GLY A 17 6.40 -11.03 -1.18
N ARG A 18 5.40 -10.68 -1.99
CA ARG A 18 5.49 -9.48 -2.81
C ARG A 18 4.78 -8.32 -2.12
N THR A 19 5.47 -7.19 -2.00
CA THR A 19 4.95 -6.05 -1.28
C THR A 19 4.18 -5.11 -2.21
N TYR A 20 2.93 -4.83 -1.85
CA TYR A 20 2.10 -3.89 -2.60
C TYR A 20 1.31 -3.05 -1.62
N TYR A 21 0.78 -1.93 -2.10
CA TYR A 21 0.07 -1.00 -1.24
C TYR A 21 -1.40 -0.94 -1.61
N VAL A 22 -2.25 -1.16 -0.63
CA VAL A 22 -3.68 -1.16 -0.83
C VAL A 22 -4.32 -0.02 -0.03
N ASN A 23 -4.81 0.97 -0.74
CA ASN A 23 -5.52 2.08 -0.13
C ASN A 23 -6.96 1.65 0.11
N HIS A 24 -7.36 1.63 1.38
CA HIS A 24 -8.68 1.13 1.75
C HIS A 24 -9.75 2.17 1.46
N ASN A 25 -9.36 3.43 1.40
CA ASN A 25 -10.29 4.54 1.17
C ASN A 25 -10.60 4.68 -0.32
N ASN A 26 -9.56 4.58 -1.15
CA ASN A 26 -9.71 4.72 -2.59
C ASN A 26 -9.73 3.35 -3.28
N ARG A 27 -9.73 2.31 -2.45
CA ARG A 27 -9.74 0.90 -2.89
C ARG A 27 -8.73 0.63 -4.01
N THR A 28 -7.59 1.29 -3.94
CA THR A 28 -6.57 1.14 -4.96
C THR A 28 -5.44 0.23 -4.48
N THR A 29 -5.20 -0.83 -5.22
CA THR A 29 -4.14 -1.77 -4.90
C THR A 29 -2.96 -1.56 -5.85
N THR A 30 -2.09 -0.65 -5.49
CA THR A 30 -0.99 -0.26 -6.35
C THR A 30 0.31 -0.98 -5.93
N TRP A 31 1.20 -1.16 -6.88
CA TRP A 31 2.49 -1.79 -6.62
C TRP A 31 3.58 -0.73 -6.68
N THR A 32 3.19 0.51 -6.45
CA THR A 32 4.08 1.65 -6.52
C THR A 32 4.07 2.42 -5.21
N ARG A 33 5.12 3.20 -4.96
CA ARG A 33 5.17 4.05 -3.78
C ARG A 33 4.33 5.31 -3.99
N PRO A 34 3.24 5.46 -3.22
CA PRO A 34 2.33 6.61 -3.35
C PRO A 34 3.02 7.94 -3.00
N ILE A 35 3.32 8.71 -4.02
CA ILE A 35 3.89 10.03 -3.82
C ILE A 35 2.79 11.05 -3.59
N MET A 36 2.44 11.23 -2.33
CA MET A 36 1.41 12.19 -1.95
C MET A 36 2.02 13.56 -1.72
N GLY A 1 1.95 5.95 15.15
CA GLY A 1 0.68 5.95 14.40
C GLY A 1 0.55 4.74 13.49
N SER A 2 0.25 4.99 12.22
CA SER A 2 0.14 3.92 11.23
C SER A 2 1.49 3.22 11.03
N PRO A 3 1.47 1.91 10.74
CA PRO A 3 2.70 1.12 10.55
C PRO A 3 3.52 1.61 9.36
N GLY A 4 2.87 2.32 8.46
CA GLY A 4 3.54 2.87 7.32
C GLY A 4 2.55 3.49 6.36
N LEU A 5 3.06 4.08 5.27
CA LEU A 5 2.22 4.68 4.24
C LEU A 5 1.38 5.84 4.77
N PRO A 6 0.66 6.54 3.87
CA PRO A 6 -0.32 7.56 4.24
C PRO A 6 -1.43 6.98 5.12
N SER A 7 -2.27 7.86 5.65
CA SER A 7 -3.33 7.48 6.59
C SER A 7 -4.44 6.68 5.91
N GLY A 8 -4.24 6.33 4.64
CA GLY A 8 -5.23 5.54 3.93
C GLY A 8 -4.62 4.45 3.08
N TRP A 9 -3.30 4.24 3.21
CA TRP A 9 -2.64 3.23 2.42
C TRP A 9 -2.16 2.10 3.32
N GLU A 10 -2.40 0.88 2.90
CA GLU A 10 -2.03 -0.28 3.69
C GLU A 10 -1.06 -1.15 2.91
N GLU A 11 0.12 -1.37 3.47
CA GLU A 11 1.10 -2.24 2.84
C GLU A 11 0.83 -3.68 3.22
N ARG A 12 0.54 -4.49 2.22
CA ARG A 12 0.22 -5.88 2.46
C ARG A 12 1.28 -6.77 1.82
N LYS A 13 1.01 -8.06 1.79
CA LYS A 13 1.96 -9.03 1.29
C LYS A 13 1.28 -10.10 0.45
N ASP A 14 1.87 -10.39 -0.69
CA ASP A 14 1.42 -11.49 -1.54
C ASP A 14 1.89 -12.82 -0.94
N ALA A 15 1.30 -13.91 -1.40
CA ALA A 15 1.62 -15.24 -0.89
C ALA A 15 3.08 -15.61 -1.17
N LYS A 16 3.66 -14.97 -2.18
CA LYS A 16 5.05 -15.20 -2.52
C LYS A 16 5.97 -14.17 -1.89
N GLY A 17 5.46 -13.44 -0.91
CA GLY A 17 6.25 -12.44 -0.22
C GLY A 17 6.53 -11.23 -1.08
N ARG A 18 5.49 -10.74 -1.74
CA ARG A 18 5.62 -9.55 -2.57
C ARG A 18 4.97 -8.36 -1.89
N THR A 19 5.58 -7.19 -2.05
CA THR A 19 5.13 -5.99 -1.39
C THR A 19 4.30 -5.10 -2.31
N TYR A 20 3.03 -4.93 -1.97
CA TYR A 20 2.15 -4.03 -2.71
C TYR A 20 1.35 -3.18 -1.72
N TYR A 21 0.81 -2.08 -2.22
CA TYR A 21 0.12 -1.12 -1.38
C TYR A 21 -1.35 -1.03 -1.76
N VAL A 22 -2.21 -1.24 -0.80
CA VAL A 22 -3.64 -1.20 -1.03
C VAL A 22 -4.30 -0.11 -0.20
N ASN A 23 -4.73 0.93 -0.91
CA ASN A 23 -5.42 2.05 -0.29
C ASN A 23 -6.88 1.68 -0.07
N HIS A 24 -7.29 1.62 1.19
CA HIS A 24 -8.65 1.16 1.52
C HIS A 24 -9.65 2.31 1.46
N ASN A 25 -9.15 3.53 1.45
CA ASN A 25 -10.01 4.71 1.42
C ASN A 25 -10.55 4.92 0.01
N ASN A 26 -9.71 4.63 -0.99
CA ASN A 26 -10.09 4.80 -2.39
C ASN A 26 -10.21 3.45 -3.10
N ARG A 27 -9.89 2.38 -2.37
CA ARG A 27 -9.91 1.02 -2.90
C ARG A 27 -8.99 0.89 -4.11
N THR A 28 -7.75 1.30 -3.94
CA THR A 28 -6.76 1.21 -5.00
C THR A 28 -5.65 0.23 -4.64
N THR A 29 -5.37 -0.67 -5.55
CA THR A 29 -4.29 -1.64 -5.37
C THR A 29 -3.12 -1.30 -6.28
N THR A 30 -2.06 -0.76 -5.71
CA THR A 30 -0.92 -0.33 -6.49
C THR A 30 0.37 -0.93 -5.95
N TRP A 31 1.35 -1.10 -6.83
CA TRP A 31 2.68 -1.52 -6.43
C TRP A 31 3.59 -0.30 -6.39
N THR A 32 3.01 0.82 -6.79
CA THR A 32 3.68 2.11 -6.78
C THR A 32 3.80 2.65 -5.36
N ARG A 33 4.96 3.19 -5.02
CA ARG A 33 5.18 3.78 -3.71
C ARG A 33 4.49 5.13 -3.60
N PRO A 34 3.42 5.22 -2.79
CA PRO A 34 2.67 6.45 -2.60
C PRO A 34 3.29 7.38 -1.56
N ILE A 35 4.03 8.38 -2.04
CA ILE A 35 4.67 9.35 -1.16
C ILE A 35 3.91 10.66 -1.21
N MET A 36 2.89 10.68 -2.03
CA MET A 36 2.06 11.86 -2.24
C MET A 36 0.84 11.47 -3.07
#